data_8XAM
#
_entry.id   8XAM
#
_cell.length_a   67.968
_cell.length_b   94.043
_cell.length_c   116.892
_cell.angle_alpha   90.000
_cell.angle_beta   90.000
_cell.angle_gamma   90.000
#
_symmetry.space_group_name_H-M   'I 1 2 1'
#
loop_
_entity.id
_entity.type
_entity.pdbx_description
1 polymer 'S-adenosylmethionine synthase isoform type-2'
2 non-polymer S-ADENOSYLMETHIONINE
3 non-polymer 2-[3-[7-chloranyl-4-(dimethylamino)-2-oxidanylidene-quinazolin-1-yl]phenoxy]-~{N}-[3-[7-chloranyl-4-(dimethylamino)-2-oxidanylidene-quinazolin-1-yl]phenyl]ethanamide
4 water water
#
_entity_poly.entity_id   1
_entity_poly.type   'polypeptide(L)'
_entity_poly.pdbx_seq_one_letter_code
;GTFLFTSESVGEGHPDKICDQISDAVLDAHLQQDPDAKVACETVAKTGMILLAGEITSRAAVDYQKVVREAVKHIGYDDS
SKGFDYKTCNVLVALEQQSPDIAQGVHLDRNEEDIGAGDQGLMFGYATDETEECMPLTIVLAHKLNAKLAELRRNGTLPW
LRPDSKTQVTVQYMQDRGAVLPIRVHTIVISVQHDEEVCLDEMRDALKEKVIKAVVPAKYLDEDTIYHLQPSGRFVIGGP
QGDAGLTGRKIIVDTYGGWGAHGGGAFSGKDYTKVDRSAAYAARWVAKSLVKGGLCRRVLVQVSYAIGVSHPLSISIFHY
GTSQKSERELLEIVKKNFDLRPGVIVRDLDLKKPIYQRTAAYGHFGRDSFPWEVPKKLKY
;
_entity_poly.pdbx_strand_id   A,B
#
# COMPACT_ATOMS: atom_id res chain seq x y z
N GLY A 1 -1.61 -22.84 -20.68
CA GLY A 1 -0.60 -22.03 -19.99
C GLY A 1 -0.91 -20.52 -20.02
N THR A 2 -2.08 -20.10 -20.47
CA THR A 2 -2.39 -18.64 -20.45
C THR A 2 -3.08 -18.28 -19.15
N PHE A 3 -2.94 -17.01 -18.78
CA PHE A 3 -3.58 -16.50 -17.57
C PHE A 3 -3.94 -15.03 -17.78
N LEU A 4 -4.79 -14.55 -16.91
CA LEU A 4 -5.20 -13.12 -16.91
C LEU A 4 -4.43 -12.40 -15.80
N PHE A 5 -4.17 -11.14 -16.04
CA PHE A 5 -3.64 -10.28 -14.95
C PHE A 5 -4.21 -8.88 -15.10
N THR A 6 -4.57 -8.26 -13.99
CA THR A 6 -5.23 -6.93 -14.01
C THR A 6 -4.39 -5.92 -13.24
N SER A 7 -4.24 -4.73 -13.81
CA SER A 7 -3.67 -3.55 -13.13
C SER A 7 -4.58 -2.36 -13.27
N GLU A 8 -4.51 -1.41 -12.33
CA GLU A 8 -5.27 -0.15 -12.44
C GLU A 8 -4.31 1.02 -12.45
N SER A 9 -4.86 2.16 -12.86
CA SER A 9 -4.20 3.47 -12.69
C SER A 9 -5.27 4.50 -12.37
N VAL A 10 -4.87 5.64 -11.90
CA VAL A 10 -5.82 6.75 -11.63
C VAL A 10 -5.31 8.04 -12.20
N GLY A 11 -6.18 8.98 -12.44
CA GLY A 11 -5.77 10.27 -13.03
C GLY A 11 -5.29 11.26 -12.01
N GLU A 12 -4.85 12.39 -12.55
CA GLU A 12 -4.25 13.45 -11.75
C GLU A 12 -5.25 14.02 -10.76
N GLY A 13 -6.55 13.96 -11.02
CA GLY A 13 -7.57 14.49 -10.13
C GLY A 13 -8.22 13.45 -9.25
N HIS A 14 -7.76 12.19 -9.30
CA HIS A 14 -8.23 11.21 -8.31
C HIS A 14 -7.83 11.77 -6.94
N PRO A 15 -8.67 11.75 -5.91
CA PRO A 15 -8.34 12.49 -4.68
C PRO A 15 -7.06 12.00 -3.98
N ASP A 16 -6.78 10.71 -4.02
CA ASP A 16 -5.50 10.24 -3.45
C ASP A 16 -4.33 10.81 -4.23
N LYS A 17 -4.42 10.79 -5.54
CA LYS A 17 -3.35 11.34 -6.38
C LYS A 17 -3.23 12.83 -6.21
N ILE A 18 -4.30 13.56 -5.98
CA ILE A 18 -4.18 14.98 -5.65
C ILE A 18 -3.24 15.12 -4.46
N CYS A 19 -3.47 14.33 -3.43
CA CYS A 19 -2.66 14.41 -2.22
C CYS A 19 -1.21 14.08 -2.48
N ASP A 20 -0.89 13.05 -3.26
CA ASP A 20 0.50 12.71 -3.60
C ASP A 20 1.13 13.89 -4.33
N GLN A 21 0.45 14.51 -5.28
CA GLN A 21 1.01 15.62 -6.04
C GLN A 21 1.24 16.83 -5.13
N ILE A 22 0.33 17.14 -4.23
CA ILE A 22 0.54 18.26 -3.33
C ILE A 22 1.71 17.97 -2.40
N SER A 23 1.78 16.79 -1.83
CA SER A 23 2.90 16.43 -0.92
C SER A 23 4.21 16.62 -1.66
N ASP A 24 4.28 16.22 -2.90
CA ASP A 24 5.53 16.39 -3.67
C ASP A 24 5.76 17.82 -4.16
N ALA A 25 4.68 18.59 -4.39
CA ALA A 25 4.87 20.04 -4.64
C ALA A 25 5.50 20.68 -3.41
N VAL A 26 5.08 20.30 -2.23
CA VAL A 26 5.65 20.85 -0.98
C VAL A 26 7.11 20.42 -0.88
N LEU A 27 7.40 19.13 -1.11
CA LEU A 27 8.79 18.67 -1.05
C LEU A 27 9.62 19.46 -2.04
N ASP A 28 9.22 19.58 -3.28
CA ASP A 28 10.00 20.31 -4.29
C ASP A 28 10.16 21.77 -3.87
N ALA A 29 9.18 22.43 -3.32
CA ALA A 29 9.31 23.83 -2.91
C ALA A 29 10.39 23.95 -1.87
N HIS A 30 10.43 23.03 -0.92
CA HIS A 30 11.51 23.02 0.07
C HIS A 30 12.86 22.77 -0.58
N LEU A 31 12.99 21.76 -1.41
CA LEU A 31 14.30 21.40 -1.99
C LEU A 31 14.83 22.49 -2.90
N GLN A 32 13.99 23.30 -3.52
CA GLN A 32 14.44 24.40 -4.36
C GLN A 32 15.25 25.37 -3.52
N GLN A 33 14.94 25.56 -2.26
CA GLN A 33 15.68 26.50 -1.40
C GLN A 33 16.67 25.81 -0.49
N ASP A 34 16.42 24.59 -0.05
CA ASP A 34 17.24 23.87 0.94
C ASP A 34 17.37 22.44 0.46
N PRO A 35 18.42 22.08 -0.29
CA PRO A 35 18.56 20.73 -0.79
C PRO A 35 18.56 19.65 0.30
N ASP A 36 18.87 20.04 1.54
CA ASP A 36 18.93 19.11 2.66
C ASP A 36 17.68 19.19 3.54
N ALA A 37 16.58 19.76 3.06
CA ALA A 37 15.33 19.75 3.82
C ALA A 37 14.94 18.34 4.23
N LYS A 38 14.46 18.22 5.48
CA LYS A 38 13.88 16.99 6.00
C LYS A 38 12.38 17.15 5.90
N VAL A 39 11.74 16.38 5.05
CA VAL A 39 10.32 16.59 4.71
C VAL A 39 9.58 15.27 4.87
N ALA A 40 8.44 15.35 5.52
CA ALA A 40 7.51 14.22 5.74
C ALA A 40 6.10 14.80 5.69
N CYS A 41 5.66 15.21 4.52
CA CYS A 41 4.41 15.98 4.36
C CYS A 41 3.29 15.11 3.88
N GLU A 42 2.34 14.81 4.73
CA GLU A 42 1.12 14.10 4.33
C GLU A 42 0.07 15.13 3.95
N THR A 43 -0.74 14.77 2.98
CA THR A 43 -1.88 15.60 2.53
C THR A 43 -3.17 14.78 2.65
N VAL A 44 -4.22 15.46 3.10
CA VAL A 44 -5.58 14.89 3.16
C VAL A 44 -6.49 15.85 2.41
N ALA A 45 -7.41 15.27 1.64
CA ALA A 45 -8.37 16.04 0.85
C ALA A 45 -9.77 15.56 1.07
N LYS A 46 -10.69 16.47 1.33
CA LYS A 46 -12.14 16.15 1.33
C LYS A 46 -12.81 17.42 0.81
N THR A 47 -14.11 17.45 0.68
CA THR A 47 -14.83 18.58 0.08
C THR A 47 -14.27 19.88 0.64
N GLY A 48 -13.79 20.74 -0.26
CA GLY A 48 -13.37 22.09 0.11
C GLY A 48 -12.11 22.17 0.93
N MET A 49 -11.38 21.07 1.16
CA MET A 49 -10.28 21.06 2.14
C MET A 49 -9.06 20.34 1.62
N ILE A 50 -7.91 21.02 1.73
CA ILE A 50 -6.56 20.40 1.70
C ILE A 50 -5.98 20.60 3.09
N LEU A 51 -5.60 19.54 3.78
CA LEU A 51 -4.87 19.63 5.05
C LEU A 51 -3.49 19.04 4.84
N LEU A 52 -2.48 19.79 5.27
CA LEU A 52 -1.09 19.30 5.36
C LEU A 52 -0.82 18.90 6.78
N ALA A 53 -0.34 17.70 7.01
CA ALA A 53 0.02 17.18 8.33
C ALA A 53 1.36 16.46 8.27
N GLY A 54 2.24 16.70 9.23
CA GLY A 54 3.55 16.05 9.18
C GLY A 54 4.62 16.95 9.71
N GLU A 55 5.82 16.64 9.28
CA GLU A 55 7.06 17.13 9.90
C GLU A 55 8.02 17.62 8.84
N ILE A 56 8.43 18.85 8.98
CA ILE A 56 9.39 19.48 8.04
C ILE A 56 10.40 20.28 8.85
N THR A 57 11.68 20.01 8.67
CA THR A 57 12.77 20.86 9.19
C THR A 57 13.62 21.29 8.01
N SER A 58 13.58 22.58 7.73
CA SER A 58 14.10 23.17 6.50
C SER A 58 14.47 24.62 6.72
N ARG A 59 15.47 25.06 5.98
CA ARG A 59 15.86 26.50 5.93
C ARG A 59 15.02 27.26 4.92
N ALA A 60 14.17 26.58 4.16
CA ALA A 60 13.34 27.24 3.13
C ALA A 60 12.26 28.10 3.78
N ALA A 61 11.80 29.13 3.09
CA ALA A 61 10.57 29.83 3.44
C ALA A 61 9.55 29.50 2.35
N VAL A 62 8.61 28.66 2.72
CA VAL A 62 7.60 28.14 1.74
C VAL A 62 6.22 28.70 2.08
N ASP A 63 5.55 29.22 1.08
CA ASP A 63 4.18 29.75 1.14
C ASP A 63 3.27 28.54 0.84
N TYR A 64 2.83 27.85 1.87
CA TYR A 64 1.99 26.66 1.66
C TYR A 64 0.68 26.96 0.95
N GLN A 65 0.06 28.10 1.22
CA GLN A 65 -1.16 28.47 0.51
C GLN A 65 -0.89 28.51 -0.96
N LYS A 66 0.17 29.17 -1.41
CA LYS A 66 0.47 29.29 -2.83
C LYS A 66 0.81 27.93 -3.42
N VAL A 67 1.66 27.18 -2.73
CA VAL A 67 2.13 25.89 -3.31
C VAL A 67 0.96 24.91 -3.48
N VAL A 68 0.12 24.80 -2.47
CA VAL A 68 -1.04 23.89 -2.55
C VAL A 68 -2.00 24.34 -3.67
N ARG A 69 -2.32 25.65 -3.69
CA ARG A 69 -3.33 26.12 -4.66
C ARG A 69 -2.80 25.98 -6.05
N GLU A 70 -1.51 26.25 -6.30
CA GLU A 70 -0.93 26.09 -7.66
CA GLU A 70 -0.99 26.10 -7.67
C GLU A 70 -0.99 24.63 -8.10
N ALA A 71 -0.79 23.70 -7.18
CA ALA A 71 -0.82 22.27 -7.55
C ALA A 71 -2.24 21.90 -7.98
N VAL A 72 -3.23 22.35 -7.22
CA VAL A 72 -4.66 22.06 -7.52
C VAL A 72 -5.05 22.71 -8.84
N LYS A 73 -4.60 23.93 -9.07
CA LYS A 73 -4.83 24.61 -10.36
C LYS A 73 -4.28 23.77 -11.53
N HIS A 74 -3.07 23.27 -11.39
CA HIS A 74 -2.43 22.47 -12.47
C HIS A 74 -3.25 21.21 -12.78
N ILE A 75 -3.76 20.57 -11.73
CA ILE A 75 -4.61 19.36 -11.89
C ILE A 75 -5.87 19.70 -12.68
N GLY A 76 -6.43 20.87 -12.50
CA GLY A 76 -7.59 21.32 -13.26
C GLY A 76 -8.82 21.59 -12.42
N TYR A 77 -8.71 21.60 -11.08
CA TYR A 77 -9.87 21.88 -10.21
C TYR A 77 -9.89 23.39 -9.97
N ASP A 78 -10.66 24.08 -10.79
CA ASP A 78 -10.65 25.55 -10.87
C ASP A 78 -12.06 26.13 -10.86
N ASP A 79 -13.05 25.41 -10.41
CA ASP A 79 -14.42 25.98 -10.37
C ASP A 79 -15.31 25.14 -9.50
N SER A 80 -16.22 25.77 -8.78
CA SER A 80 -17.19 25.06 -7.92
C SER A 80 -18.01 24.09 -8.78
N SER A 81 -18.25 24.33 -10.06
CA SER A 81 -19.02 23.40 -10.91
C SER A 81 -18.35 22.04 -11.00
N LYS A 82 -17.01 21.99 -10.85
CA LYS A 82 -16.21 20.76 -10.98
C LYS A 82 -16.08 20.04 -9.67
N GLY A 83 -16.57 20.63 -8.60
CA GLY A 83 -16.56 20.02 -7.27
C GLY A 83 -15.40 20.50 -6.41
N PHE A 84 -14.47 21.30 -6.92
CA PHE A 84 -13.28 21.72 -6.15
C PHE A 84 -12.69 22.88 -6.91
N ASP A 85 -12.19 23.87 -6.16
CA ASP A 85 -11.60 25.06 -6.78
C ASP A 85 -10.38 25.51 -5.99
N TYR A 86 -9.22 25.54 -6.62
CA TYR A 86 -7.98 26.01 -5.96
C TYR A 86 -8.12 27.44 -5.47
N LYS A 87 -8.95 28.24 -6.09
CA LYS A 87 -9.01 29.66 -5.67
C LYS A 87 -9.72 29.81 -4.33
N THR A 88 -10.62 28.90 -4.00
CA THR A 88 -11.61 29.14 -2.91
C THR A 88 -11.63 28.02 -1.89
N CYS A 89 -10.84 26.98 -2.05
CA CYS A 89 -10.83 25.89 -1.06
C CYS A 89 -10.13 26.36 0.23
N ASN A 90 -10.32 25.60 1.28
CA ASN A 90 -9.63 25.76 2.57
C ASN A 90 -8.29 25.05 2.46
N VAL A 91 -7.22 25.71 2.87
CA VAL A 91 -5.89 25.08 3.04
C VAL A 91 -5.52 25.22 4.51
N LEU A 92 -5.46 24.08 5.20
CA LEU A 92 -5.14 23.98 6.64
C LEU A 92 -3.76 23.36 6.80
N VAL A 93 -2.98 23.86 7.74
CA VAL A 93 -1.59 23.39 7.94
C VAL A 93 -1.38 22.96 9.37
N ALA A 94 -0.96 21.71 9.57
CA ALA A 94 -0.58 21.12 10.87
C ALA A 94 0.81 20.52 10.69
N LEU A 95 1.79 21.36 10.48
CA LEU A 95 3.19 20.95 10.20
C LEU A 95 4.05 21.41 11.35
N GLU A 96 4.84 20.49 11.86
CA GLU A 96 5.83 20.77 12.91
CA GLU A 96 5.82 20.70 12.94
C GLU A 96 7.22 20.39 12.44
N GLN A 97 8.21 20.70 13.25
CA GLN A 97 9.59 20.25 12.99
C GLN A 97 9.67 18.72 12.99
N GLN A 98 10.64 18.19 12.31
CA GLN A 98 11.02 16.79 12.52
C GLN A 98 11.29 16.52 13.99
N SER A 99 10.83 15.38 14.50
CA SER A 99 11.16 14.93 15.85
C SER A 99 12.67 15.07 16.08
N PRO A 100 13.12 15.74 17.15
CA PRO A 100 14.55 15.76 17.46
C PRO A 100 15.11 14.37 17.76
N ASP A 101 14.26 13.45 18.23
CA ASP A 101 14.72 12.08 18.52
C ASP A 101 15.02 11.34 17.24
N ILE A 102 14.21 11.55 16.19
CA ILE A 102 14.53 10.98 14.87
C ILE A 102 15.78 11.65 14.35
N ALA A 103 15.84 12.97 14.38
CA ALA A 103 17.01 13.67 13.78
C ALA A 103 18.29 13.16 14.39
N GLN A 104 18.37 13.07 15.72
CA GLN A 104 19.63 12.68 16.36
C GLN A 104 19.98 11.24 16.00
N GLY A 105 19.00 10.39 15.75
CA GLY A 105 19.30 8.98 15.49
C GLY A 105 19.60 8.68 14.03
N VAL A 106 19.23 9.59 13.15
CA VAL A 106 19.32 9.40 11.69
C VAL A 106 20.47 10.18 11.06
N HIS A 107 20.53 11.47 11.27
CA HIS A 107 21.41 12.31 10.45
C HIS A 107 22.24 13.32 11.23
N LEU A 108 21.92 13.67 12.45
CA LEU A 108 22.68 14.67 13.23
CA LEU A 108 22.71 14.75 13.04
C LEU A 108 24.15 14.25 13.31
N ASP A 109 25.07 15.13 12.91
CA ASP A 109 26.53 14.90 13.11
C ASP A 109 26.93 13.61 12.42
N ARG A 110 26.32 13.25 11.30
CA ARG A 110 26.74 12.09 10.48
C ARG A 110 27.30 12.59 9.19
N ASN A 111 28.35 11.93 8.75
CA ASN A 111 28.85 12.11 7.38
C ASN A 111 27.74 11.75 6.38
N GLU A 112 27.57 12.50 5.32
CA GLU A 112 26.38 12.25 4.45
C GLU A 112 26.38 10.82 3.96
N GLU A 113 27.49 10.29 3.49
CA GLU A 113 27.46 8.94 2.93
C GLU A 113 27.06 7.91 3.99
N ASP A 114 27.29 8.28 5.27
CA ASP A 114 27.04 7.36 6.41
C ASP A 114 25.80 7.76 7.23
N ILE A 115 24.90 8.53 6.62
CA ILE A 115 23.59 8.85 7.22
CA ILE A 115 23.62 8.87 7.27
C ILE A 115 22.83 7.57 7.46
N GLY A 116 22.13 7.48 8.55
CA GLY A 116 21.29 6.30 8.79
C GLY A 116 20.06 6.30 7.92
N ALA A 117 19.52 5.13 7.67
CA ALA A 117 18.17 5.07 7.10
C ALA A 117 17.26 5.92 7.98
N GLY A 118 16.31 6.59 7.36
CA GLY A 118 15.37 7.44 8.12
C GLY A 118 14.26 6.67 8.83
N ASP A 119 14.19 5.37 8.58
CA ASP A 119 13.22 4.46 9.19
C ASP A 119 13.69 3.04 8.97
N GLN A 120 13.11 2.08 9.71
CA GLN A 120 13.18 0.70 9.23
C GLN A 120 12.29 0.52 8.00
N GLY A 121 12.32 -0.65 7.41
CA GLY A 121 11.35 -1.06 6.42
C GLY A 121 11.93 -1.92 5.35
N LEU A 122 11.04 -2.37 4.50
CA LEU A 122 11.39 -3.24 3.37
C LEU A 122 10.91 -2.57 2.11
N MET A 123 11.61 -2.84 0.99
CA MET A 123 11.29 -2.16 -0.30
C MET A 123 11.62 -3.17 -1.39
N PHE A 124 10.89 -3.09 -2.47
CA PHE A 124 11.12 -3.95 -3.63
C PHE A 124 11.30 -3.14 -4.90
N GLY A 125 12.11 -3.70 -5.77
CA GLY A 125 12.24 -3.26 -7.15
C GLY A 125 11.87 -4.36 -8.10
N TYR A 126 11.35 -4.04 -9.26
CA TYR A 126 10.92 -5.04 -10.24
C TYR A 126 11.23 -4.52 -11.62
N ALA A 127 11.48 -5.46 -12.55
CA ALA A 127 11.63 -5.13 -13.96
C ALA A 127 11.20 -6.37 -14.75
N THR A 128 10.67 -6.11 -15.95
CA THR A 128 10.20 -7.17 -16.84
C THR A 128 10.48 -6.73 -18.27
N ASP A 129 10.94 -7.68 -19.10
CA ASP A 129 11.35 -7.36 -20.48
C ASP A 129 10.17 -7.30 -21.42
N GLU A 130 8.95 -7.38 -21.00
CA GLU A 130 7.81 -7.41 -21.92
C GLU A 130 7.62 -6.07 -22.61
N THR A 131 8.13 -4.97 -22.10
CA THR A 131 8.11 -3.66 -22.77
C THR A 131 9.53 -3.14 -22.78
N GLU A 132 9.82 -2.19 -23.67
CA GLU A 132 11.17 -1.60 -23.76
C GLU A 132 11.54 -0.94 -22.43
N GLU A 133 10.59 -0.26 -21.83
CA GLU A 133 10.85 0.46 -20.55
C GLU A 133 10.88 -0.50 -19.37
N CYS A 134 10.72 -1.78 -19.56
CA CYS A 134 10.86 -2.83 -18.54
C CYS A 134 9.77 -2.74 -17.50
N MET A 135 8.57 -2.41 -17.95
CA MET A 135 7.36 -2.37 -17.13
C MET A 135 6.34 -3.36 -17.62
N PRO A 136 5.42 -3.80 -16.74
CA PRO A 136 4.28 -4.61 -17.18
C PRO A 136 3.36 -3.85 -18.12
N LEU A 137 2.92 -4.51 -19.19
CA LEU A 137 2.01 -3.86 -20.16
C LEU A 137 0.71 -3.42 -19.47
N THR A 138 0.16 -4.21 -18.55
CA THR A 138 -1.13 -3.85 -17.95
C THR A 138 -1.07 -2.46 -17.33
N ILE A 139 -0.01 -2.17 -16.57
CA ILE A 139 0.05 -0.87 -15.87
C ILE A 139 0.41 0.24 -16.87
N VAL A 140 1.28 -0.01 -17.83
CA VAL A 140 1.61 1.04 -18.83
C VAL A 140 0.33 1.48 -19.53
N LEU A 141 -0.46 0.51 -19.99
CA LEU A 141 -1.70 0.87 -20.68
C LEU A 141 -2.66 1.58 -19.75
N ALA A 142 -2.81 1.11 -18.51
CA ALA A 142 -3.71 1.78 -17.57
C ALA A 142 -3.32 3.27 -17.38
N HIS A 143 -2.02 3.52 -17.18
CA HIS A 143 -1.54 4.92 -17.02
C HIS A 143 -1.82 5.72 -18.29
N LYS A 144 -1.53 5.14 -19.43
CA LYS A 144 -1.70 5.93 -20.69
C LYS A 144 -3.18 6.27 -20.92
N LEU A 145 -4.11 5.43 -20.51
CA LEU A 145 -5.54 5.74 -20.67
C LEU A 145 -5.87 6.97 -19.83
N ASN A 146 -5.38 7.06 -18.57
CA ASN A 146 -5.59 8.27 -17.77
C ASN A 146 -4.91 9.46 -18.42
N ALA A 147 -3.71 9.32 -18.94
CA ALA A 147 -3.03 10.45 -19.57
C ALA A 147 -3.82 10.95 -20.77
N LYS A 148 -4.39 10.04 -21.51
CA LYS A 148 -5.19 10.39 -22.71
C LYS A 148 -6.42 11.18 -22.28
N LEU A 149 -7.11 10.76 -21.21
CA LEU A 149 -8.27 11.53 -20.71
C LEU A 149 -7.82 12.95 -20.35
N ALA A 150 -6.71 13.10 -19.65
CA ALA A 150 -6.25 14.46 -19.28
C ALA A 150 -5.90 15.27 -20.52
N GLU A 151 -5.32 14.64 -21.54
CA GLU A 151 -4.93 15.35 -22.78
C GLU A 151 -6.20 15.85 -23.46
N LEU A 152 -7.25 15.06 -23.56
CA LEU A 152 -8.47 15.43 -24.29
C LEU A 152 -9.30 16.42 -23.47
N ARG A 153 -9.18 16.37 -22.15
CA ARG A 153 -9.79 17.41 -21.28
C ARG A 153 -9.05 18.71 -21.55
N ARG A 154 -7.75 18.70 -21.48
CA ARG A 154 -6.96 19.95 -21.57
C ARG A 154 -7.01 20.55 -22.97
N ASN A 155 -7.16 19.77 -24.03
CA ASN A 155 -7.17 20.35 -25.40
C ASN A 155 -8.59 20.68 -25.81
N GLY A 156 -9.59 20.47 -24.96
CA GLY A 156 -10.96 20.92 -25.21
C GLY A 156 -11.70 20.00 -26.18
N THR A 157 -11.15 18.85 -26.55
CA THR A 157 -11.73 17.78 -27.43
C THR A 157 -13.01 17.26 -26.75
N LEU A 158 -12.92 16.98 -25.44
CA LEU A 158 -14.00 16.36 -24.64
C LEU A 158 -14.18 17.25 -23.42
N PRO A 159 -14.84 18.39 -23.58
CA PRO A 159 -14.85 19.41 -22.53
C PRO A 159 -15.76 19.06 -21.36
N TRP A 160 -16.52 17.97 -21.45
CA TRP A 160 -17.31 17.42 -20.36
C TRP A 160 -16.43 16.64 -19.35
N LEU A 161 -15.19 16.32 -19.68
CA LEU A 161 -14.32 15.58 -18.74
C LEU A 161 -13.94 16.44 -17.58
N ARG A 162 -13.80 15.83 -16.43
CA ARG A 162 -13.24 16.44 -15.21
CA ARG A 162 -13.26 16.45 -15.22
C ARG A 162 -11.99 15.68 -14.85
N PRO A 163 -11.20 16.17 -13.86
CA PRO A 163 -9.90 15.57 -13.63
C PRO A 163 -9.82 14.21 -12.96
N ASP A 164 -10.86 13.80 -12.24
CA ASP A 164 -10.89 12.55 -11.47
C ASP A 164 -11.18 11.38 -12.40
N SER A 165 -10.31 10.43 -12.52
CA SER A 165 -10.52 9.26 -13.37
C SER A 165 -9.85 8.03 -12.76
N LYS A 166 -10.30 6.88 -13.19
CA LYS A 166 -9.68 5.58 -12.91
C LYS A 166 -9.77 4.73 -14.16
N THR A 167 -8.78 3.86 -14.33
CA THR A 167 -8.76 2.92 -15.46
C THR A 167 -8.28 1.57 -14.94
N GLN A 168 -8.58 0.53 -15.67
CA GLN A 168 -8.15 -0.81 -15.26
C GLN A 168 -8.04 -1.67 -16.50
N VAL A 169 -6.96 -2.40 -16.62
CA VAL A 169 -6.67 -3.20 -17.82
C VAL A 169 -6.34 -4.61 -17.39
N THR A 170 -7.07 -5.55 -17.97
CA THR A 170 -6.81 -6.98 -17.80
C THR A 170 -6.24 -7.51 -19.09
N VAL A 171 -5.06 -8.08 -19.05
CA VAL A 171 -4.36 -8.67 -20.19
C VAL A 171 -4.31 -10.17 -20.02
N GLN A 172 -4.52 -10.89 -21.14
CA GLN A 172 -4.23 -12.33 -21.22
CA GLN A 172 -4.23 -12.33 -21.25
C GLN A 172 -2.77 -12.49 -21.64
N TYR A 173 -2.04 -13.27 -20.85
CA TYR A 173 -0.62 -13.51 -21.00
C TYR A 173 -0.39 -14.98 -21.33
N MET A 174 0.72 -15.22 -21.99
CA MET A 174 1.34 -16.57 -22.01
C MET A 174 2.64 -16.53 -21.21
N GLN A 175 3.05 -17.68 -20.73
CA GLN A 175 4.34 -17.77 -20.00
C GLN A 175 5.36 -18.45 -20.92
N ASP A 176 6.64 -18.04 -20.84
CA ASP A 176 7.76 -18.63 -21.59
C ASP A 176 8.96 -18.67 -20.62
N ARG A 177 9.02 -19.73 -19.84
CA ARG A 177 10.19 -20.16 -19.03
C ARG A 177 10.35 -19.10 -17.93
N GLY A 178 9.21 -18.75 -17.35
CA GLY A 178 9.11 -17.78 -16.26
C GLY A 178 8.96 -16.35 -16.77
N ALA A 179 9.24 -16.04 -18.04
CA ALA A 179 8.96 -14.71 -18.62
C ALA A 179 7.49 -14.68 -19.01
N VAL A 180 7.00 -13.50 -19.21
CA VAL A 180 5.55 -13.39 -19.55
C VAL A 180 5.44 -12.60 -20.82
N LEU A 181 4.48 -12.98 -21.64
CA LEU A 181 4.29 -12.37 -22.95
C LEU A 181 2.82 -11.97 -23.08
N PRO A 182 2.53 -10.69 -23.28
CA PRO A 182 1.12 -10.30 -23.43
C PRO A 182 0.56 -10.82 -24.76
N ILE A 183 -0.68 -11.29 -24.78
CA ILE A 183 -1.38 -11.79 -25.99
C ILE A 183 -2.45 -10.78 -26.40
N ARG A 184 -3.36 -10.40 -25.52
CA ARG A 184 -4.56 -9.63 -25.90
CA ARG A 184 -4.44 -9.48 -25.92
C ARG A 184 -5.06 -8.90 -24.64
N VAL A 185 -5.82 -7.86 -24.86
CA VAL A 185 -6.59 -7.17 -23.78
C VAL A 185 -7.94 -7.84 -23.61
N HIS A 186 -8.20 -8.36 -22.44
CA HIS A 186 -9.39 -9.13 -22.11
C HIS A 186 -10.50 -8.19 -21.64
N THR A 187 -10.19 -7.23 -20.77
CA THR A 187 -11.19 -6.28 -20.22
C THR A 187 -10.55 -4.93 -19.99
N ILE A 188 -11.30 -3.88 -20.28
CA ILE A 188 -10.90 -2.49 -19.91
C ILE A 188 -12.04 -1.86 -19.13
N VAL A 189 -11.71 -1.23 -18.02
CA VAL A 189 -12.59 -0.32 -17.27
C VAL A 189 -12.11 1.10 -17.42
N ILE A 190 -13.01 2.04 -17.65
CA ILE A 190 -12.71 3.47 -17.49
C ILE A 190 -13.88 4.09 -16.74
N SER A 191 -13.60 4.81 -15.68
CA SER A 191 -14.55 5.68 -14.98
C SER A 191 -13.98 7.06 -14.92
N VAL A 192 -14.72 8.07 -15.35
CA VAL A 192 -14.18 9.45 -15.30
C VAL A 192 -15.31 10.41 -14.94
N GLN A 193 -15.00 11.34 -14.07
CA GLN A 193 -15.94 12.38 -13.66
C GLN A 193 -16.27 13.25 -14.86
N HIS A 194 -17.54 13.68 -14.89
CA HIS A 194 -18.07 14.38 -16.05
C HIS A 194 -19.08 15.45 -15.64
N ASP A 195 -19.39 16.32 -16.58
CA ASP A 195 -20.36 17.39 -16.37
C ASP A 195 -21.79 16.85 -16.37
N GLU A 196 -22.69 17.69 -15.93
CA GLU A 196 -24.12 17.36 -15.71
C GLU A 196 -24.86 17.20 -17.02
N GLU A 197 -24.32 17.65 -18.12
CA GLU A 197 -25.12 17.70 -19.37
C GLU A 197 -24.84 16.50 -20.28
N VAL A 198 -23.64 15.92 -20.30
CA VAL A 198 -23.31 14.89 -21.34
C VAL A 198 -24.02 13.58 -20.98
N CYS A 199 -24.54 12.90 -21.98
CA CYS A 199 -25.24 11.64 -21.72
C CYS A 199 -24.28 10.44 -21.76
N LEU A 200 -24.70 9.37 -21.14
CA LEU A 200 -23.95 8.13 -21.07
C LEU A 200 -23.50 7.62 -22.43
N ASP A 201 -24.39 7.58 -23.42
CA ASP A 201 -24.00 7.04 -24.75
C ASP A 201 -22.91 7.89 -25.39
N GLU A 202 -23.00 9.20 -25.24
CA GLU A 202 -21.93 10.07 -25.81
C GLU A 202 -20.60 9.77 -25.11
N MET A 203 -20.64 9.60 -23.81
CA MET A 203 -19.39 9.31 -23.08
C MET A 203 -18.86 7.94 -23.49
N ARG A 204 -19.70 6.91 -23.53
CA ARG A 204 -19.15 5.57 -23.80
C ARG A 204 -18.56 5.51 -25.19
N ASP A 205 -19.23 6.13 -26.16
CA ASP A 205 -18.67 6.17 -27.52
C ASP A 205 -17.33 6.89 -27.55
N ALA A 206 -17.26 8.03 -26.91
CA ALA A 206 -15.98 8.76 -26.90
C ALA A 206 -14.87 7.97 -26.20
N LEU A 207 -15.20 7.31 -25.09
CA LEU A 207 -14.17 6.57 -24.35
C LEU A 207 -13.67 5.43 -25.23
N LYS A 208 -14.52 4.76 -25.96
CA LYS A 208 -14.04 3.67 -26.83
C LYS A 208 -13.25 4.24 -28.02
N GLU A 209 -13.79 5.23 -28.72
CA GLU A 209 -13.17 5.64 -30.00
C GLU A 209 -12.01 6.60 -29.80
N LYS A 210 -12.12 7.51 -28.88
CA LYS A 210 -11.12 8.58 -28.76
C LYS A 210 -10.11 8.34 -27.66
N VAL A 211 -10.41 7.43 -26.74
CA VAL A 211 -9.49 7.11 -25.61
C VAL A 211 -8.88 5.74 -25.86
N ILE A 212 -9.67 4.69 -25.77
CA ILE A 212 -9.11 3.33 -25.88
C ILE A 212 -8.42 3.15 -27.22
N LYS A 213 -9.10 3.44 -28.32
CA LYS A 213 -8.47 3.13 -29.62
C LYS A 213 -7.26 4.01 -29.84
N ALA A 214 -7.20 5.19 -29.25
CA ALA A 214 -6.03 6.05 -29.39
C ALA A 214 -4.83 5.48 -28.65
N VAL A 215 -5.01 4.72 -27.58
CA VAL A 215 -3.96 4.25 -26.67
C VAL A 215 -3.57 2.79 -26.90
N VAL A 216 -4.54 1.95 -27.08
CA VAL A 216 -4.31 0.48 -27.05
C VAL A 216 -4.20 0.01 -28.49
N PRO A 217 -3.09 -0.63 -28.87
CA PRO A 217 -2.99 -1.19 -30.23
C PRO A 217 -4.15 -2.11 -30.58
N ALA A 218 -4.62 -1.99 -31.83
CA ALA A 218 -5.78 -2.76 -32.31
C ALA A 218 -5.47 -4.26 -32.22
N LYS A 219 -4.24 -4.67 -32.34
CA LYS A 219 -3.86 -6.09 -32.34
C LYS A 219 -4.22 -6.70 -30.99
N TYR A 220 -4.37 -5.91 -29.93
CA TYR A 220 -4.72 -6.46 -28.60
C TYR A 220 -6.23 -6.48 -28.37
N LEU A 221 -7.04 -5.83 -29.23
CA LEU A 221 -8.48 -5.71 -29.02
C LEU A 221 -9.21 -6.61 -30.02
N ASP A 222 -10.20 -7.34 -29.62
CA ASP A 222 -10.90 -8.23 -30.59
C ASP A 222 -12.35 -8.31 -30.20
N GLU A 223 -13.07 -9.23 -30.81
CA GLU A 223 -14.52 -9.33 -30.59
C GLU A 223 -14.85 -9.76 -29.17
N ASP A 224 -13.92 -10.43 -28.48
CA ASP A 224 -14.14 -10.94 -27.12
C ASP A 224 -13.85 -9.83 -26.09
N THR A 225 -13.14 -8.76 -26.43
CA THR A 225 -12.68 -7.80 -25.40
C THR A 225 -13.93 -7.27 -24.71
N ILE A 226 -13.89 -7.16 -23.40
CA ILE A 226 -15.01 -6.64 -22.59
C ILE A 226 -14.71 -5.21 -22.22
N TYR A 227 -15.67 -4.33 -22.40
CA TYR A 227 -15.52 -2.91 -22.07
C TYR A 227 -16.51 -2.53 -20.99
N HIS A 228 -16.02 -1.96 -19.89
CA HIS A 228 -16.83 -1.39 -18.81
C HIS A 228 -16.54 0.08 -18.78
N LEU A 229 -17.34 0.86 -19.49
CA LEU A 229 -17.08 2.30 -19.71
C LEU A 229 -18.15 3.06 -18.96
N GLN A 230 -17.77 3.90 -18.01
CA GLN A 230 -18.73 4.54 -17.09
C GLN A 230 -19.65 3.47 -16.52
N PRO A 231 -19.10 2.38 -15.92
CA PRO A 231 -19.95 1.31 -15.44
C PRO A 231 -20.83 1.71 -14.27
N SER A 232 -20.56 2.76 -13.54
CA SER A 232 -21.47 3.21 -12.46
C SER A 232 -22.68 3.93 -13.03
N GLY A 233 -22.63 4.36 -14.28
CA GLY A 233 -23.74 5.06 -14.92
C GLY A 233 -23.74 6.54 -14.71
N ARG A 234 -23.14 7.09 -13.68
CA ARG A 234 -23.19 8.53 -13.40
C ARG A 234 -22.02 8.82 -12.46
N PHE A 235 -21.25 9.85 -12.79
CA PHE A 235 -20.05 10.26 -12.04
C PHE A 235 -19.89 11.76 -12.19
N VAL A 236 -20.89 12.50 -11.73
CA VAL A 236 -20.84 13.99 -11.76
C VAL A 236 -20.10 14.48 -10.55
N ILE A 237 -20.43 13.96 -9.38
CA ILE A 237 -19.71 14.27 -8.12
C ILE A 237 -18.39 13.53 -8.21
N GLY A 238 -17.29 14.23 -8.00
CA GLY A 238 -15.99 13.59 -8.01
C GLY A 238 -14.94 14.40 -7.32
N GLY A 239 -13.69 14.01 -7.48
CA GLY A 239 -12.62 14.62 -6.69
C GLY A 239 -12.86 14.36 -5.23
N PRO A 240 -12.26 15.18 -4.36
CA PRO A 240 -12.38 14.99 -2.91
C PRO A 240 -13.84 15.04 -2.43
N GLN A 241 -14.71 15.79 -3.13
CA GLN A 241 -16.13 15.77 -2.76
C GLN A 241 -16.72 14.37 -2.87
N GLY A 242 -16.34 13.57 -3.85
CA GLY A 242 -16.86 12.19 -3.95
C GLY A 242 -16.21 11.19 -3.04
N ASP A 243 -14.97 11.43 -2.62
CA ASP A 243 -14.17 10.40 -1.93
C ASP A 243 -12.99 11.11 -1.28
N ALA A 244 -12.80 10.94 0.00
CA ALA A 244 -11.65 11.52 0.69
C ALA A 244 -10.37 10.95 0.10
N GLY A 245 -9.35 11.79 -0.05
CA GLY A 245 -8.02 11.37 -0.50
C GLY A 245 -6.97 11.55 0.56
N LEU A 246 -5.94 10.71 0.47
CA LEU A 246 -4.80 10.79 1.39
C LEU A 246 -3.54 10.49 0.62
N THR A 247 -2.42 11.08 1.03
CA THR A 247 -1.11 10.71 0.49
C THR A 247 -0.79 9.23 0.74
N GLY A 248 -0.23 8.55 -0.24
CA GLY A 248 0.31 7.21 0.00
C GLY A 248 -0.75 6.14 0.01
N ARG A 249 -1.87 6.36 -0.69
CA ARG A 249 -2.98 5.41 -0.82
C ARG A 249 -3.09 4.86 -2.24
N LYS A 250 -2.06 5.09 -3.06
CA LYS A 250 -1.99 4.56 -4.44
C LYS A 250 -0.62 3.92 -4.67
N ILE A 251 -0.14 3.16 -3.70
CA ILE A 251 1.27 2.72 -3.75
C ILE A 251 1.49 1.65 -4.82
N ILE A 252 0.44 0.98 -5.22
CA ILE A 252 0.54 -0.07 -6.26
C ILE A 252 0.43 0.57 -7.64
N VAL A 253 -0.45 1.55 -7.81
CA VAL A 253 -0.46 2.43 -9.00
C VAL A 253 0.89 3.11 -9.15
N ASP A 254 1.55 3.49 -8.06
CA ASP A 254 2.83 4.21 -8.15
C ASP A 254 3.96 3.33 -8.62
N THR A 255 3.84 2.01 -8.54
CA THR A 255 4.95 1.06 -8.70
C THR A 255 4.66 0.18 -9.93
N TYR A 256 4.15 -1.01 -9.75
CA TYR A 256 4.14 -2.00 -10.85
C TYR A 256 2.74 -2.51 -11.13
N GLY A 257 1.69 -1.89 -10.59
CA GLY A 257 0.33 -2.36 -10.95
C GLY A 257 0.02 -3.72 -10.44
N GLY A 258 0.63 -4.17 -9.35
CA GLY A 258 0.35 -5.45 -8.73
C GLY A 258 1.40 -6.51 -8.97
N TRP A 259 2.17 -6.30 -10.05
CA TRP A 259 3.29 -7.22 -10.35
C TRP A 259 4.39 -7.02 -9.32
N GLY A 260 5.25 -7.99 -9.24
CA GLY A 260 6.36 -7.87 -8.28
C GLY A 260 5.85 -7.89 -6.87
N ALA A 261 6.32 -6.96 -6.04
CA ALA A 261 5.94 -6.93 -4.61
C ALA A 261 6.11 -5.52 -4.11
N HIS A 262 5.60 -5.26 -2.93
CA HIS A 262 5.65 -3.93 -2.32
C HIS A 262 5.92 -4.08 -0.83
N GLY A 263 6.76 -3.18 -0.31
CA GLY A 263 7.09 -3.18 1.13
C GLY A 263 6.17 -2.37 1.98
N GLY A 264 5.28 -1.58 1.38
CA GLY A 264 4.24 -0.84 2.12
C GLY A 264 4.44 0.65 2.18
N GLY A 265 5.64 1.13 1.97
CA GLY A 265 5.93 2.56 2.16
C GLY A 265 5.39 3.44 1.05
N ALA A 266 4.92 4.60 1.39
CA ALA A 266 4.52 5.63 0.41
C ALA A 266 5.72 6.44 -0.04
N PHE A 267 5.68 6.94 -1.25
CA PHE A 267 6.79 7.75 -1.80
C PHE A 267 6.60 9.25 -1.54
N SER A 268 5.42 9.78 -1.81
CA SER A 268 5.27 11.23 -1.95
C SER A 268 5.38 11.95 -0.65
N GLY A 269 5.95 13.15 -0.67
CA GLY A 269 6.09 13.99 0.54
C GLY A 269 7.33 13.71 1.35
N LYS A 270 8.24 12.84 0.88
CA LYS A 270 9.41 12.40 1.67
C LYS A 270 10.71 12.72 0.94
N ASP A 271 11.67 13.28 1.68
CA ASP A 271 13.02 13.48 1.17
C ASP A 271 13.79 12.16 1.14
N TYR A 272 15.01 12.19 0.58
CA TYR A 272 15.79 10.96 0.28
C TYR A 272 16.12 10.17 1.51
N THR A 273 16.18 10.78 2.68
CA THR A 273 16.55 10.01 3.88
C THR A 273 15.48 9.01 4.28
N LYS A 274 14.29 9.16 3.76
CA LYS A 274 13.19 8.20 3.93
C LYS A 274 13.38 7.13 2.88
N VAL A 275 13.97 6.01 3.30
CA VAL A 275 14.30 4.88 2.40
C VAL A 275 13.05 4.27 1.77
N ASP A 276 11.84 4.50 2.30
CA ASP A 276 10.61 4.06 1.59
C ASP A 276 10.67 4.50 0.13
N ARG A 277 11.16 5.71 -0.10
CA ARG A 277 11.27 6.24 -1.46
C ARG A 277 12.67 5.93 -2.03
N SER A 278 13.73 6.43 -1.46
CA SER A 278 15.06 6.29 -2.08
C SER A 278 15.46 4.86 -2.30
N ALA A 279 15.17 3.95 -1.40
CA ALA A 279 15.62 2.57 -1.59
C ALA A 279 14.72 1.85 -2.58
N ALA A 280 13.43 2.20 -2.68
CA ALA A 280 12.56 1.63 -3.71
C ALA A 280 13.03 2.11 -5.08
N TYR A 281 13.42 3.38 -5.19
CA TYR A 281 13.95 3.89 -6.48
C TYR A 281 15.25 3.13 -6.82
N ALA A 282 16.12 2.96 -5.84
CA ALA A 282 17.38 2.23 -6.07
C ALA A 282 17.10 0.78 -6.45
N ALA A 283 16.12 0.14 -5.81
CA ALA A 283 15.78 -1.25 -6.14
C ALA A 283 15.22 -1.38 -7.56
N ARG A 284 14.41 -0.41 -7.98
CA ARG A 284 13.96 -0.35 -9.42
C ARG A 284 15.22 -0.28 -10.29
N TRP A 285 16.16 0.62 -9.98
CA TRP A 285 17.39 0.82 -10.76
C TRP A 285 18.17 -0.47 -10.84
N VAL A 286 18.29 -1.20 -9.74
CA VAL A 286 18.98 -2.51 -9.75
C VAL A 286 18.24 -3.47 -10.67
N ALA A 287 16.93 -3.62 -10.50
CA ALA A 287 16.15 -4.58 -11.28
C ALA A 287 16.26 -4.29 -12.77
N LYS A 288 16.07 -3.02 -13.12
CA LYS A 288 16.16 -2.63 -14.52
C LYS A 288 17.57 -2.83 -15.07
N SER A 289 18.59 -2.63 -14.29
CA SER A 289 19.99 -2.85 -14.69
C SER A 289 20.18 -4.35 -14.95
N LEU A 290 19.62 -5.23 -14.15
CA LEU A 290 19.76 -6.68 -14.37
C LEU A 290 19.09 -7.05 -15.67
N VAL A 291 17.90 -6.55 -15.95
CA VAL A 291 17.16 -6.93 -17.17
C VAL A 291 17.85 -6.30 -18.37
N LYS A 292 18.17 -5.03 -18.38
CA LYS A 292 18.83 -4.39 -19.55
C LYS A 292 20.24 -4.94 -19.70
N GLY A 293 20.86 -5.51 -18.69
CA GLY A 293 22.18 -6.10 -18.78
C GLY A 293 22.12 -7.49 -19.34
N GLY A 294 20.94 -8.03 -19.60
CA GLY A 294 20.74 -9.36 -20.19
C GLY A 294 20.92 -10.48 -19.20
N LEU A 295 20.86 -10.23 -17.89
CA LEU A 295 21.04 -11.30 -16.88
C LEU A 295 19.74 -12.01 -16.56
N CYS A 296 18.59 -11.42 -16.79
CA CYS A 296 17.31 -12.09 -16.59
CA CYS A 296 17.24 -11.88 -16.37
C CYS A 296 16.25 -11.38 -17.41
N ARG A 297 15.17 -12.07 -17.60
CA ARG A 297 14.04 -11.50 -18.37
C ARG A 297 13.12 -10.74 -17.41
N ARG A 298 13.00 -11.18 -16.17
CA ARG A 298 12.27 -10.41 -15.15
C ARG A 298 12.88 -10.74 -13.81
N VAL A 299 12.73 -9.82 -12.88
CA VAL A 299 13.43 -9.95 -11.58
C VAL A 299 12.78 -9.07 -10.55
N LEU A 300 12.76 -9.61 -9.32
CA LEU A 300 12.31 -8.92 -8.08
C LEU A 300 13.51 -8.78 -7.16
N VAL A 301 13.68 -7.62 -6.59
CA VAL A 301 14.76 -7.28 -5.64
C VAL A 301 14.10 -6.82 -4.35
N GLN A 302 14.46 -7.40 -3.22
CA GLN A 302 14.11 -6.88 -1.90
C GLN A 302 15.33 -6.27 -1.25
N VAL A 303 15.12 -5.17 -0.53
CA VAL A 303 16.11 -4.61 0.40
CA VAL A 303 16.12 -4.60 0.39
C VAL A 303 15.39 -4.24 1.69
N SER A 304 16.12 -4.12 2.78
CA SER A 304 15.49 -3.70 4.06
C SER A 304 16.51 -2.92 4.88
N TYR A 305 16.01 -2.14 5.84
CA TYR A 305 16.78 -1.20 6.65
C TYR A 305 16.34 -1.23 8.09
N ALA A 306 17.19 -0.71 8.95
CA ALA A 306 16.85 -0.34 10.33
C ALA A 306 17.05 1.16 10.47
N ILE A 307 16.18 1.85 11.21
CA ILE A 307 16.38 3.28 11.43
C ILE A 307 17.75 3.51 12.07
N GLY A 308 18.46 4.52 11.56
CA GLY A 308 19.78 4.90 12.09
C GLY A 308 20.91 4.08 11.54
N VAL A 309 20.69 3.07 10.75
CA VAL A 309 21.76 2.19 10.21
C VAL A 309 21.85 2.42 8.71
N SER A 310 23.04 2.65 8.20
CA SER A 310 23.23 3.06 6.79
CA SER A 310 23.27 3.05 6.79
C SER A 310 23.09 1.87 5.84
N HIS A 311 23.80 0.77 6.07
CA HIS A 311 23.77 -0.35 5.11
C HIS A 311 22.45 -1.10 5.28
N PRO A 312 21.93 -1.63 4.19
CA PRO A 312 20.76 -2.48 4.25
C PRO A 312 21.00 -3.70 5.14
N LEU A 313 19.96 -4.15 5.81
CA LEU A 313 20.02 -5.37 6.64
CA LEU A 313 20.01 -5.35 6.67
C LEU A 313 19.97 -6.63 5.79
N SER A 314 19.32 -6.55 4.65
CA SER A 314 19.12 -7.73 3.77
C SER A 314 18.98 -7.23 2.35
N ILE A 315 19.42 -8.06 1.41
CA ILE A 315 19.21 -7.85 -0.04
C ILE A 315 18.89 -9.20 -0.62
N SER A 316 17.86 -9.33 -1.43
CA SER A 316 17.40 -10.62 -1.94
C SER A 316 16.98 -10.48 -3.38
N ILE A 317 17.10 -11.56 -4.13
CA ILE A 317 16.81 -11.58 -5.59
C ILE A 317 15.95 -12.75 -5.94
N PHE A 318 14.89 -12.53 -6.69
CA PHE A 318 14.00 -13.60 -7.24
C PHE A 318 13.94 -13.42 -8.74
N HIS A 319 14.40 -14.38 -9.54
CA HIS A 319 14.46 -14.19 -11.00
C HIS A 319 13.39 -14.97 -11.72
N TYR A 320 12.43 -15.55 -11.06
CA TYR A 320 11.25 -16.20 -11.66
C TYR A 320 11.70 -17.34 -12.60
N GLY A 321 12.92 -17.83 -12.48
CA GLY A 321 13.41 -18.88 -13.41
C GLY A 321 13.90 -18.30 -14.71
N THR A 322 14.21 -17.01 -14.80
CA THR A 322 14.45 -16.35 -16.11
C THR A 322 15.92 -15.96 -16.30
N SER A 323 16.83 -16.62 -15.56
CA SER A 323 18.29 -16.41 -15.66
C SER A 323 18.97 -17.77 -15.71
N GLN A 324 20.06 -17.86 -16.44
CA GLN A 324 20.94 -19.03 -16.31
C GLN A 324 21.67 -18.96 -14.96
N LYS A 325 21.97 -17.77 -14.45
CA LYS A 325 22.67 -17.61 -13.18
C LYS A 325 21.71 -17.85 -12.04
N SER A 326 22.23 -18.42 -10.98
CA SER A 326 21.47 -18.60 -9.73
C SER A 326 21.14 -17.22 -9.13
N GLU A 327 20.14 -17.20 -8.28
CA GLU A 327 19.82 -15.96 -7.52
C GLU A 327 21.00 -15.60 -6.64
N ARG A 328 21.74 -16.58 -6.09
CA ARG A 328 22.95 -16.28 -5.32
C ARG A 328 23.95 -15.51 -6.17
N GLU A 329 24.20 -15.98 -7.39
CA GLU A 329 25.15 -15.33 -8.31
CA GLU A 329 25.17 -15.32 -8.28
C GLU A 329 24.66 -13.92 -8.64
N LEU A 330 23.37 -13.76 -8.89
CA LEU A 330 22.85 -12.40 -9.21
C LEU A 330 23.03 -11.51 -7.96
N LEU A 331 22.76 -12.04 -6.76
CA LEU A 331 22.92 -11.21 -5.55
C LEU A 331 24.37 -10.76 -5.41
N GLU A 332 25.35 -11.63 -5.70
CA GLU A 332 26.77 -11.24 -5.68
CA GLU A 332 26.76 -11.26 -5.69
C GLU A 332 27.07 -10.16 -6.72
N ILE A 333 26.48 -10.23 -7.90
CA ILE A 333 26.69 -9.16 -8.92
C ILE A 333 26.10 -7.84 -8.37
N VAL A 334 24.92 -7.92 -7.77
CA VAL A 334 24.30 -6.67 -7.20
C VAL A 334 25.22 -6.07 -6.15
N LYS A 335 25.71 -6.93 -5.23
CA LYS A 335 26.53 -6.39 -4.13
C LYS A 335 27.84 -5.82 -4.65
N LYS A 336 28.36 -6.35 -5.73
CA LYS A 336 29.63 -5.85 -6.29
C LYS A 336 29.43 -4.54 -7.05
N ASN A 337 28.20 -4.27 -7.53
CA ASN A 337 27.94 -3.13 -8.42
C ASN A 337 27.16 -1.99 -7.79
N PHE A 338 26.52 -2.19 -6.66
CA PHE A 338 25.63 -1.18 -6.06
C PHE A 338 25.98 -0.98 -4.59
N ASP A 339 25.87 0.25 -4.14
CA ASP A 339 25.99 0.63 -2.71
C ASP A 339 24.65 1.24 -2.34
N LEU A 340 23.87 0.54 -1.53
CA LEU A 340 22.47 0.89 -1.27
C LEU A 340 22.35 1.61 0.09
N ARG A 341 23.41 2.21 0.59
CA ARG A 341 23.27 3.17 1.68
C ARG A 341 22.51 4.39 1.17
N PRO A 342 21.60 4.99 1.96
CA PRO A 342 20.87 6.14 1.47
C PRO A 342 21.74 7.32 1.09
N GLY A 343 22.85 7.51 1.83
CA GLY A 343 23.76 8.60 1.58
C GLY A 343 24.63 8.37 0.37
N VAL A 344 24.56 7.21 -0.27
CA VAL A 344 25.18 6.95 -1.59
C VAL A 344 24.09 6.99 -2.67
N ILE A 345 22.96 6.39 -2.42
CA ILE A 345 21.83 6.44 -3.38
C ILE A 345 21.51 7.89 -3.73
N VAL A 346 21.55 8.81 -2.78
CA VAL A 346 21.22 10.23 -3.03
C VAL A 346 22.15 10.77 -4.15
N ARG A 347 23.43 10.43 -4.12
CA ARG A 347 24.40 10.91 -5.11
C ARG A 347 24.15 10.21 -6.43
N ASP A 348 24.00 8.90 -6.46
CA ASP A 348 23.82 8.17 -7.74
C ASP A 348 22.53 8.61 -8.42
N LEU A 349 21.47 8.87 -7.67
CA LEU A 349 20.13 9.10 -8.25
C LEU A 349 19.77 10.58 -8.21
N ASP A 350 20.66 11.44 -7.73
CA ASP A 350 20.47 12.92 -7.69
C ASP A 350 19.19 13.26 -6.93
N LEU A 351 19.02 12.72 -5.72
CA LEU A 351 17.68 12.75 -5.07
C LEU A 351 17.45 14.03 -4.27
N LYS A 352 18.35 15.00 -4.31
CA LYS A 352 18.05 16.36 -3.80
C LYS A 352 17.41 17.22 -4.89
N LYS A 353 17.33 16.74 -6.12
CA LYS A 353 16.76 17.58 -7.19
C LYS A 353 15.26 17.65 -7.06
N PRO A 354 14.67 18.84 -7.19
CA PRO A 354 13.22 19.04 -7.00
C PRO A 354 12.42 18.61 -8.24
N ILE A 355 12.42 17.32 -8.54
CA ILE A 355 11.63 16.77 -9.69
C ILE A 355 10.52 15.86 -9.18
N TYR A 356 10.24 15.88 -7.89
CA TYR A 356 9.35 14.87 -7.33
C TYR A 356 7.90 15.08 -7.75
N GLN A 357 7.39 16.29 -7.91
CA GLN A 357 5.98 16.38 -8.36
C GLN A 357 5.82 15.66 -9.69
N ARG A 358 6.83 15.66 -10.54
CA ARG A 358 6.70 14.93 -11.82
C ARG A 358 6.52 13.44 -11.64
N THR A 359 6.94 12.88 -10.52
CA THR A 359 6.80 11.43 -10.26
C THR A 359 5.41 11.03 -9.75
N ALA A 360 4.64 12.00 -9.29
CA ALA A 360 3.47 11.73 -8.41
C ALA A 360 2.17 11.49 -9.16
N ALA A 361 2.19 11.42 -10.47
CA ALA A 361 1.08 10.85 -11.26
C ALA A 361 1.66 10.01 -12.37
N TYR A 362 0.95 8.98 -12.80
CA TYR A 362 1.29 8.08 -13.94
C TYR A 362 2.44 7.16 -13.59
N GLY A 363 2.67 6.90 -12.31
CA GLY A 363 3.68 5.95 -11.86
C GLY A 363 5.05 6.56 -11.74
N HIS A 364 5.85 6.04 -10.81
CA HIS A 364 7.21 6.57 -10.58
C HIS A 364 8.22 5.94 -11.52
N PHE A 365 7.85 4.85 -12.16
CA PHE A 365 8.78 3.98 -12.90
C PHE A 365 8.38 3.90 -14.35
N GLY A 366 9.32 3.63 -15.20
CA GLY A 366 9.11 3.35 -16.63
C GLY A 366 8.92 4.59 -17.47
N ARG A 367 9.20 5.75 -16.98
CA ARG A 367 8.92 7.02 -17.71
C ARG A 367 10.08 7.99 -17.56
N ASP A 368 10.33 8.75 -18.61
CA ASP A 368 11.04 10.06 -18.58
C ASP A 368 12.53 9.94 -18.28
N SER A 369 13.09 8.76 -18.29
CA SER A 369 14.55 8.60 -18.12
C SER A 369 15.01 9.36 -16.89
N PHE A 370 14.28 9.23 -15.78
CA PHE A 370 14.78 9.61 -14.43
C PHE A 370 16.00 8.78 -14.11
N PRO A 371 16.84 9.18 -13.15
CA PRO A 371 18.09 8.45 -12.94
C PRO A 371 17.96 6.96 -12.64
N TRP A 372 16.87 6.59 -11.94
CA TRP A 372 16.62 5.18 -11.60
C TRP A 372 16.17 4.34 -12.81
N GLU A 373 15.90 5.01 -13.93
CA GLU A 373 15.52 4.35 -15.21
C GLU A 373 16.67 4.21 -16.19
N VAL A 374 17.84 4.75 -15.86
CA VAL A 374 19.03 4.69 -16.73
C VAL A 374 19.84 3.52 -16.20
N PRO A 375 19.94 2.39 -16.86
CA PRO A 375 20.61 1.24 -16.25
C PRO A 375 22.09 1.49 -15.96
N LYS A 376 22.58 0.90 -14.90
CA LYS A 376 24.02 0.88 -14.61
C LYS A 376 24.62 -0.30 -15.38
N LYS A 377 25.75 -0.02 -16.04
CA LYS A 377 26.60 -1.05 -16.71
C LYS A 377 27.26 -1.91 -15.62
N LEU A 378 26.99 -3.20 -15.65
CA LEU A 378 27.42 -4.09 -14.57
C LEU A 378 28.77 -4.72 -14.90
N LYS A 379 29.62 -4.78 -13.91
CA LYS A 379 30.92 -5.50 -13.97
C LYS A 379 30.84 -6.81 -13.21
N TYR A 380 31.24 -7.95 -13.82
CA TYR A 380 31.29 -9.28 -13.16
C TYR A 380 32.02 -10.28 -14.07
N GLY B 1 21.01 -22.39 -2.44
CA GLY B 1 19.59 -22.06 -2.64
C GLY B 1 18.95 -21.47 -1.38
N THR B 2 19.72 -20.94 -0.44
CA THR B 2 19.10 -20.18 0.69
C THR B 2 19.02 -18.73 0.31
N PHE B 3 18.05 -18.04 0.94
CA PHE B 3 17.84 -16.60 0.72
C PHE B 3 17.30 -16.00 2.00
N LEU B 4 17.39 -14.68 2.05
CA LEU B 4 16.84 -13.87 3.16
C LEU B 4 15.49 -13.28 2.74
N PHE B 5 14.62 -13.12 3.69
CA PHE B 5 13.40 -12.33 3.44
C PHE B 5 13.03 -11.59 4.70
N THR B 6 12.59 -10.34 4.54
CA THR B 6 12.30 -9.45 5.69
C THR B 6 10.85 -9.01 5.65
N SER B 7 10.19 -9.04 6.81
CA SER B 7 8.86 -8.46 7.02
C SER B 7 8.87 -7.59 8.24
N GLU B 8 8.01 -6.58 8.28
CA GLU B 8 7.82 -5.73 9.49
C GLU B 8 6.40 -5.84 10.01
N SER B 9 6.26 -5.38 11.25
CA SER B 9 4.94 -5.15 11.88
C SER B 9 5.05 -3.88 12.70
N VAL B 10 3.91 -3.35 13.11
CA VAL B 10 3.88 -2.17 14.01
C VAL B 10 2.89 -2.39 15.12
N GLY B 11 3.07 -1.67 16.22
CA GLY B 11 2.17 -1.81 17.36
C GLY B 11 0.91 -1.00 17.27
N GLU B 12 0.07 -1.24 18.28
CA GLU B 12 -1.24 -0.61 18.35
C GLU B 12 -1.14 0.90 18.42
N GLY B 13 -0.07 1.46 18.94
CA GLY B 13 0.11 2.88 19.05
C GLY B 13 0.96 3.51 17.96
N HIS B 14 1.37 2.71 16.96
CA HIS B 14 2.00 3.34 15.77
C HIS B 14 0.95 4.25 15.16
N PRO B 15 1.27 5.48 14.74
CA PRO B 15 0.22 6.44 14.40
C PRO B 15 -0.65 6.00 13.20
N ASP B 16 -0.08 5.29 12.23
CA ASP B 16 -0.93 4.75 11.14
C ASP B 16 -1.90 3.73 11.68
N LYS B 17 -1.43 2.86 12.55
CA LYS B 17 -2.29 1.83 13.12
C LYS B 17 -3.33 2.44 14.05
N ILE B 18 -3.04 3.52 14.74
CA ILE B 18 -4.08 4.23 15.49
C ILE B 18 -5.20 4.57 14.54
N CYS B 19 -4.88 5.13 13.40
CA CYS B 19 -5.89 5.54 12.44
C CYS B 19 -6.72 4.35 11.94
N ASP B 20 -6.09 3.23 11.61
CA ASP B 20 -6.82 2.04 11.16
C ASP B 20 -7.77 1.59 12.28
N GLN B 21 -7.33 1.57 13.53
CA GLN B 21 -8.20 1.11 14.62
C GLN B 21 -9.34 2.10 14.84
N ILE B 22 -9.13 3.40 14.76
CA ILE B 22 -10.23 4.36 14.89
C ILE B 22 -11.19 4.18 13.74
N SER B 23 -10.73 4.09 12.51
CA SER B 23 -11.62 3.90 11.33
C SER B 23 -12.49 2.68 11.56
N ASP B 24 -11.91 1.61 12.03
CA ASP B 24 -12.71 0.38 12.27
C ASP B 24 -13.58 0.46 13.53
N ALA B 25 -13.18 1.25 14.54
CA ALA B 25 -14.09 1.51 15.68
C ALA B 25 -15.32 2.25 15.14
N VAL B 26 -15.15 3.19 14.25
CA VAL B 26 -16.29 3.94 13.67
C VAL B 26 -17.15 2.98 12.86
N LEU B 27 -16.53 2.15 12.01
CA LEU B 27 -17.30 1.18 11.23
C LEU B 27 -18.10 0.30 12.18
N ASP B 28 -17.49 -0.30 13.17
CA ASP B 28 -18.18 -1.19 14.09
C ASP B 28 -19.31 -0.43 14.78
N ALA B 29 -19.13 0.78 15.21
CA ALA B 29 -20.19 1.53 15.89
C ALA B 29 -21.38 1.68 14.99
N HIS B 30 -21.16 1.97 13.72
CA HIS B 30 -22.28 2.04 12.76
C HIS B 30 -22.93 0.68 12.60
N LEU B 31 -22.17 -0.39 12.34
CA LEU B 31 -22.74 -1.73 12.07
C LEU B 31 -23.51 -2.26 13.27
N GLN B 32 -23.18 -1.88 14.49
CA GLN B 32 -23.92 -2.32 15.69
C GLN B 32 -25.35 -1.85 15.55
N GLN B 33 -25.63 -0.69 14.99
CA GLN B 33 -26.99 -0.19 14.88
C GLN B 33 -27.58 -0.41 13.51
N ASP B 34 -26.81 -0.36 12.45
CA ASP B 34 -27.30 -0.45 11.06
C ASP B 34 -26.40 -1.41 10.32
N PRO B 35 -26.73 -2.71 10.22
CA PRO B 35 -25.88 -3.68 9.53
C PRO B 35 -25.59 -3.31 8.07
N ASP B 36 -26.40 -2.45 7.48
CA ASP B 36 -26.23 -2.07 6.08
C ASP B 36 -25.62 -0.67 5.95
N ALA B 37 -24.98 -0.16 7.00
CA ALA B 37 -24.28 1.14 6.90
C ALA B 37 -23.29 1.12 5.74
N LYS B 38 -23.23 2.23 5.02
CA LYS B 38 -22.22 2.48 3.99
C LYS B 38 -21.19 3.36 4.62
N VAL B 39 -19.98 2.85 4.78
CA VAL B 39 -18.95 3.53 5.59
C VAL B 39 -17.66 3.58 4.81
N ALA B 40 -17.05 4.77 4.80
CA ALA B 40 -15.77 5.04 4.13
C ALA B 40 -15.06 6.07 5.00
N CYS B 41 -14.60 5.66 6.16
CA CYS B 41 -14.10 6.57 7.20
C CYS B 41 -12.58 6.56 7.23
N GLU B 42 -11.97 7.61 6.75
CA GLU B 42 -10.52 7.79 6.88
C GLU B 42 -10.24 8.54 8.17
N THR B 43 -9.13 8.22 8.80
CA THR B 43 -8.62 8.89 10.02
C THR B 43 -7.23 9.41 9.75
N VAL B 44 -6.97 10.60 10.25
CA VAL B 44 -5.65 11.26 10.23
C VAL B 44 -5.29 11.63 11.66
N ALA B 45 -4.02 11.41 12.01
CA ALA B 45 -3.56 11.73 13.37
C ALA B 45 -2.29 12.55 13.30
N LYS B 46 -2.22 13.63 14.07
CA LYS B 46 -0.96 14.36 14.29
C LYS B 46 -1.04 14.87 15.72
N THR B 47 -0.04 15.55 16.22
CA THR B 47 0.00 16.00 17.61
C THR B 47 -1.35 16.56 18.01
N GLY B 48 -1.96 15.97 19.04
CA GLY B 48 -3.21 16.51 19.61
C GLY B 48 -4.43 16.35 18.76
N MET B 49 -4.39 15.65 17.63
CA MET B 49 -5.51 15.68 16.66
C MET B 49 -5.82 14.32 16.12
N ILE B 50 -7.10 13.98 16.18
CA ILE B 50 -7.74 12.93 15.34
C ILE B 50 -8.72 13.63 14.44
N LEU B 51 -8.57 13.50 13.12
CA LEU B 51 -9.57 14.00 12.16
C LEU B 51 -10.17 12.80 11.45
N LEU B 52 -11.50 12.78 11.40
CA LEU B 52 -12.27 11.83 10.58
C LEU B 52 -12.65 12.52 9.29
N ALA B 53 -12.38 11.94 8.15
CA ALA B 53 -12.75 12.47 6.84
C ALA B 53 -13.30 11.35 5.96
N GLY B 54 -14.38 11.58 5.25
CA GLY B 54 -14.96 10.53 4.41
C GLY B 54 -16.44 10.61 4.38
N GLU B 55 -17.03 9.47 4.08
CA GLU B 55 -18.42 9.36 3.65
C GLU B 55 -19.10 8.22 4.38
N ILE B 56 -20.19 8.55 5.05
CA ILE B 56 -21.00 7.54 5.78
C ILE B 56 -22.47 7.86 5.53
N THR B 57 -23.20 6.84 5.08
CA THR B 57 -24.67 6.87 5.00
C THR B 57 -25.19 5.70 5.83
N SER B 58 -25.87 6.04 6.92
CA SER B 58 -26.23 5.07 7.95
C SER B 58 -27.43 5.57 8.72
N ARG B 59 -28.22 4.61 9.21
CA ARG B 59 -29.34 4.89 10.13
C ARG B 59 -28.86 4.97 11.56
N ALA B 60 -27.58 4.68 11.84
CA ALA B 60 -27.04 4.71 13.21
C ALA B 60 -26.94 6.15 13.74
N ALA B 61 -27.02 6.34 15.03
CA ALA B 61 -26.63 7.59 15.69
C ALA B 61 -25.35 7.29 16.47
N VAL B 62 -24.26 7.80 15.94
CA VAL B 62 -22.90 7.51 16.48
C VAL B 62 -22.31 8.78 17.09
N ASP B 63 -21.83 8.65 18.31
CA ASP B 63 -21.14 9.72 19.05
C ASP B 63 -19.65 9.59 18.68
N TYR B 64 -19.21 10.34 17.68
CA TYR B 64 -17.82 10.22 17.19
C TYR B 64 -16.82 10.62 18.26
N GLN B 65 -17.13 11.60 19.10
CA GLN B 65 -16.21 11.98 20.18
C GLN B 65 -16.00 10.78 21.07
N LYS B 66 -17.04 10.08 21.49
CA LYS B 66 -16.89 8.96 22.38
C LYS B 66 -16.15 7.80 21.69
N VAL B 67 -16.55 7.49 20.46
CA VAL B 67 -15.96 6.31 19.79
C VAL B 67 -14.46 6.52 19.56
N VAL B 68 -14.07 7.69 19.10
CA VAL B 68 -12.64 7.99 18.86
C VAL B 68 -11.87 7.93 20.19
N ARG B 69 -12.38 8.59 21.23
CA ARG B 69 -11.62 8.69 22.47
C ARG B 69 -11.52 7.34 23.12
N GLU B 70 -12.55 6.52 23.07
CA GLU B 70 -12.49 5.16 23.64
CA GLU B 70 -12.44 5.19 23.67
C GLU B 70 -11.43 4.31 22.90
N ALA B 71 -11.31 4.48 21.59
CA ALA B 71 -10.32 3.69 20.84
C ALA B 71 -8.92 4.08 21.27
N VAL B 72 -8.69 5.39 21.42
CA VAL B 72 -7.36 5.92 21.84
C VAL B 72 -7.05 5.47 23.27
N LYS B 73 -8.04 5.51 24.16
CA LYS B 73 -7.87 4.99 25.52
C LYS B 73 -7.43 3.51 25.48
N HIS B 74 -8.08 2.70 24.68
CA HIS B 74 -7.75 1.25 24.60
C HIS B 74 -6.29 1.04 24.17
N ILE B 75 -5.85 1.85 23.22
CA ILE B 75 -4.45 1.76 22.73
C ILE B 75 -3.48 2.09 23.84
N GLY B 76 -3.82 3.01 24.73
CA GLY B 76 -2.96 3.32 25.87
C GLY B 76 -2.47 4.75 25.90
N TYR B 77 -2.98 5.62 25.03
CA TYR B 77 -2.56 7.04 25.02
C TYR B 77 -3.50 7.82 25.94
N ASP B 78 -3.09 7.95 27.18
CA ASP B 78 -3.94 8.46 28.27
C ASP B 78 -3.25 9.53 29.09
N ASP B 79 -2.22 10.17 28.59
CA ASP B 79 -1.55 11.22 29.38
C ASP B 79 -0.64 12.05 28.51
N SER B 80 -0.56 13.33 28.78
CA SER B 80 0.30 14.26 28.02
C SER B 80 1.76 13.75 28.13
N SER B 81 2.19 13.05 29.18
CA SER B 81 3.57 12.58 29.31
C SER B 81 3.92 11.60 28.20
N LYS B 82 2.91 10.88 27.67
CA LYS B 82 3.08 9.84 26.65
C LYS B 82 2.99 10.42 25.25
N GLY B 83 2.69 11.71 25.13
CA GLY B 83 2.63 12.36 23.85
C GLY B 83 1.24 12.49 23.28
N PHE B 84 0.22 11.89 23.90
CA PHE B 84 -1.15 11.90 23.35
C PHE B 84 -2.05 11.45 24.47
N ASP B 85 -3.24 12.05 24.55
CA ASP B 85 -4.18 11.71 25.60
C ASP B 85 -5.60 11.72 25.04
N TYR B 86 -6.31 10.59 25.11
CA TYR B 86 -7.69 10.49 24.64
C TYR B 86 -8.61 11.49 25.37
N LYS B 87 -8.26 11.87 26.59
CA LYS B 87 -9.20 12.73 27.34
C LYS B 87 -9.17 14.15 26.81
N THR B 88 -8.07 14.60 26.24
CA THR B 88 -7.79 16.04 26.00
C THR B 88 -7.42 16.33 24.57
N CYS B 89 -7.35 15.34 23.69
CA CYS B 89 -7.01 15.61 22.28
C CYS B 89 -8.19 16.29 21.57
N ASN B 90 -7.92 16.86 20.43
CA ASN B 90 -8.92 17.40 19.51
C ASN B 90 -9.46 16.28 18.66
N VAL B 91 -10.77 16.17 18.54
CA VAL B 91 -11.45 15.27 17.59
C VAL B 91 -12.23 16.14 16.63
N LEU B 92 -11.83 16.15 15.36
CA LEU B 92 -12.45 16.95 14.30
C LEU B 92 -13.16 16.01 13.34
N VAL B 93 -14.33 16.39 12.85
CA VAL B 93 -15.11 15.51 11.97
C VAL B 93 -15.47 16.23 10.68
N ALA B 94 -15.10 15.64 9.54
CA ALA B 94 -15.42 16.13 8.18
C ALA B 94 -16.04 14.95 7.46
N LEU B 95 -17.20 14.52 7.88
CA LEU B 95 -17.91 13.34 7.34
C LEU B 95 -19.17 13.81 6.66
N GLU B 96 -19.38 13.36 5.46
CA GLU B 96 -20.60 13.62 4.68
CA GLU B 96 -20.57 13.61 4.63
C GLU B 96 -21.25 12.31 4.28
N GLN B 97 -22.41 12.41 3.68
CA GLN B 97 -23.09 11.22 3.12
C GLN B 97 -22.24 10.61 2.01
N GLN B 98 -22.45 9.34 1.76
CA GLN B 98 -21.97 8.71 0.52
C GLN B 98 -22.45 9.48 -0.69
N SER B 99 -21.59 9.69 -1.67
CA SER B 99 -21.98 10.26 -2.95
C SER B 99 -23.23 9.58 -3.45
N PRO B 100 -24.29 10.32 -3.81
CA PRO B 100 -25.46 9.71 -4.42
C PRO B 100 -25.15 9.06 -5.77
N ASP B 101 -24.12 9.55 -6.46
CA ASP B 101 -23.73 8.95 -7.75
C ASP B 101 -23.10 7.59 -7.54
N ILE B 102 -22.32 7.39 -6.49
CA ILE B 102 -21.83 6.05 -6.14
C ILE B 102 -23.00 5.19 -5.70
N ALA B 103 -23.83 5.70 -4.83
CA ALA B 103 -24.93 4.86 -4.29
C ALA B 103 -25.80 4.32 -5.43
N GLN B 104 -26.20 5.18 -6.37
CA GLN B 104 -27.09 4.71 -7.45
C GLN B 104 -26.38 3.71 -8.34
N GLY B 105 -25.08 3.79 -8.47
CA GLY B 105 -24.37 2.88 -9.39
C GLY B 105 -23.99 1.57 -8.76
N VAL B 106 -23.98 1.51 -7.43
CA VAL B 106 -23.49 0.35 -6.68
C VAL B 106 -24.62 -0.48 -6.08
N HIS B 107 -25.49 0.13 -5.30
CA HIS B 107 -26.41 -0.66 -4.45
C HIS B 107 -27.85 -0.21 -4.50
N LEU B 108 -28.19 0.97 -4.94
CA LEU B 108 -29.59 1.45 -4.94
CA LEU B 108 -29.60 1.35 -4.78
C LEU B 108 -30.46 0.50 -5.74
N ASP B 109 -31.54 -0.01 -5.15
CA ASP B 109 -32.56 -0.83 -5.89
C ASP B 109 -31.88 -2.05 -6.51
N ARG B 110 -30.87 -2.60 -5.85
CA ARG B 110 -30.26 -3.89 -6.26
C ARG B 110 -30.57 -4.95 -5.25
N ASN B 111 -30.83 -6.14 -5.75
CA ASN B 111 -30.90 -7.32 -4.89
C ASN B 111 -29.55 -7.50 -4.19
N GLU B 112 -29.54 -7.85 -2.93
CA GLU B 112 -28.26 -7.85 -2.18
C GLU B 112 -27.26 -8.76 -2.88
N GLU B 113 -27.60 -9.97 -3.27
CA GLU B 113 -26.61 -10.85 -3.86
C GLU B 113 -26.04 -10.24 -5.14
N ASP B 114 -26.80 -9.33 -5.77
CA ASP B 114 -26.43 -8.72 -7.08
C ASP B 114 -26.00 -7.27 -6.95
N ILE B 115 -25.60 -6.87 -5.72
CA ILE B 115 -25.01 -5.53 -5.52
CA ILE B 115 -25.01 -5.53 -5.50
C ILE B 115 -23.74 -5.43 -6.33
N GLY B 116 -23.49 -4.25 -6.88
CA GLY B 116 -22.25 -4.02 -7.59
C GLY B 116 -21.06 -3.91 -6.67
N ALA B 117 -19.88 -4.24 -7.17
CA ALA B 117 -18.67 -3.86 -6.45
C ALA B 117 -18.75 -2.36 -6.14
N GLY B 118 -18.27 -1.97 -4.95
CA GLY B 118 -18.30 -0.55 -4.57
C GLY B 118 -17.22 0.30 -5.24
N ASP B 119 -16.33 -0.33 -5.97
CA ASP B 119 -15.25 0.34 -6.71
C ASP B 119 -14.69 -0.64 -7.71
N GLN B 120 -13.92 -0.14 -8.68
CA GLN B 120 -13.00 -1.05 -9.38
C GLN B 120 -11.87 -1.45 -8.46
N GLY B 121 -11.01 -2.35 -8.90
CA GLY B 121 -9.73 -2.62 -8.25
C GLY B 121 -9.34 -4.05 -8.37
N LEU B 122 -8.15 -4.31 -7.87
CA LEU B 122 -7.55 -5.65 -7.88
C LEU B 122 -7.21 -5.99 -6.44
N MET B 123 -7.23 -7.28 -6.14
CA MET B 123 -7.00 -7.75 -4.73
C MET B 123 -6.31 -9.11 -4.85
N PHE B 124 -5.48 -9.40 -3.86
CA PHE B 124 -4.80 -10.68 -3.80
C PHE B 124 -5.03 -11.38 -2.49
N GLY B 125 -5.03 -12.72 -2.58
CA GLY B 125 -4.97 -13.60 -1.42
C GLY B 125 -3.73 -14.45 -1.47
N TYR B 126 -3.20 -14.84 -0.34
CA TYR B 126 -1.99 -15.67 -0.29
C TYR B 126 -2.12 -16.66 0.85
N ALA B 127 -1.45 -17.79 0.72
CA ALA B 127 -1.31 -18.76 1.82
C ALA B 127 -0.04 -19.55 1.56
N THR B 128 0.57 -19.96 2.67
CA THR B 128 1.82 -20.72 2.64
C THR B 128 1.79 -21.73 3.78
N ASP B 129 2.26 -22.94 3.51
CA ASP B 129 2.19 -24.04 4.50
C ASP B 129 3.32 -23.99 5.50
N GLU B 130 4.16 -23.00 5.55
CA GLU B 130 5.31 -22.99 6.47
C GLU B 130 4.85 -22.84 7.91
N THR B 131 3.65 -22.35 8.19
CA THR B 131 3.09 -22.32 9.54
C THR B 131 1.71 -22.97 9.50
N GLU B 132 1.22 -23.41 10.64
CA GLU B 132 -0.11 -24.06 10.70
C GLU B 132 -1.19 -23.08 10.21
N GLU B 133 -1.08 -21.83 10.59
CA GLU B 133 -2.08 -20.80 10.21
C GLU B 133 -1.86 -20.35 8.77
N CYS B 134 -0.95 -20.89 8.03
CA CYS B 134 -0.74 -20.66 6.59
C CYS B 134 -0.29 -19.22 6.33
N MET B 135 0.54 -18.71 7.20
CA MET B 135 1.14 -17.37 7.09
C MET B 135 2.66 -17.49 7.02
N PRO B 136 3.31 -16.49 6.42
CA PRO B 136 4.79 -16.44 6.47
C PRO B 136 5.32 -16.29 7.91
N LEU B 137 6.37 -17.02 8.24
CA LEU B 137 6.94 -16.92 9.60
C LEU B 137 7.44 -15.51 9.86
N THR B 138 8.04 -14.82 8.87
CA THR B 138 8.61 -13.49 9.14
C THR B 138 7.55 -12.57 9.71
N ILE B 139 6.36 -12.55 9.10
CA ILE B 139 5.33 -11.56 9.56
C ILE B 139 4.69 -12.07 10.86
N VAL B 140 4.51 -13.36 11.06
CA VAL B 140 3.94 -13.87 12.32
C VAL B 140 4.85 -13.43 13.47
N LEU B 141 6.15 -13.64 13.32
CA LEU B 141 7.05 -13.27 14.40
C LEU B 141 7.06 -11.76 14.60
N ALA B 142 7.07 -10.98 13.52
CA ALA B 142 7.07 -9.52 13.67
C ALA B 142 5.84 -9.06 14.46
N HIS B 143 4.64 -9.58 14.11
CA HIS B 143 3.42 -9.23 14.86
C HIS B 143 3.55 -9.66 16.31
N LYS B 144 4.00 -10.87 16.57
CA LYS B 144 4.05 -11.35 17.98
C LYS B 144 5.02 -10.50 18.81
N LEU B 145 6.10 -9.97 18.23
CA LEU B 145 7.01 -9.11 18.98
C LEU B 145 6.26 -7.85 19.41
N ASN B 146 5.46 -7.22 18.53
CA ASN B 146 4.65 -6.06 18.94
C ASN B 146 3.65 -6.47 19.98
N ALA B 147 2.99 -7.61 19.86
CA ALA B 147 2.00 -8.03 20.86
C ALA B 147 2.67 -8.21 22.21
N LYS B 148 3.87 -8.74 22.21
CA LYS B 148 4.61 -8.97 23.47
C LYS B 148 4.92 -7.63 24.13
N LEU B 149 5.35 -6.63 23.36
CA LEU B 149 5.61 -5.29 23.93
C LEU B 149 4.33 -4.76 24.56
N ALA B 150 3.19 -4.85 23.89
CA ALA B 150 1.93 -4.37 24.47
C ALA B 150 1.56 -5.13 25.75
N GLU B 151 1.80 -6.44 25.76
CA GLU B 151 1.49 -7.27 26.94
C GLU B 151 2.32 -6.77 28.10
N LEU B 152 3.64 -6.54 27.93
CA LEU B 152 4.53 -6.20 29.04
C LEU B 152 4.33 -4.75 29.45
N ARG B 153 3.84 -3.91 28.55
CA ARG B 153 3.41 -2.54 28.91
C ARG B 153 2.17 -2.67 29.78
N ARG B 154 1.18 -3.39 29.34
CA ARG B 154 -0.11 -3.44 30.05
C ARG B 154 0.01 -4.17 31.37
N ASN B 155 0.89 -5.14 31.52
CA ASN B 155 0.97 -5.86 32.81
C ASN B 155 1.96 -5.18 33.75
N GLY B 156 2.55 -4.05 33.38
CA GLY B 156 3.40 -3.26 34.25
C GLY B 156 4.79 -3.86 34.46
N THR B 157 5.17 -4.88 33.71
CA THR B 157 6.51 -5.58 33.69
C THR B 157 7.56 -4.53 33.29
N LEU B 158 7.26 -3.77 32.22
CA LEU B 158 8.19 -2.80 31.59
C LEU B 158 7.43 -1.48 31.51
N PRO B 159 7.30 -0.74 32.63
CA PRO B 159 6.38 0.38 32.68
C PRO B 159 6.90 1.61 31.94
N TRP B 160 8.14 1.56 31.47
CA TRP B 160 8.75 2.60 30.61
C TRP B 160 8.24 2.50 29.17
N LEU B 161 7.60 1.41 28.77
CA LEU B 161 7.11 1.26 27.38
C LEU B 161 5.97 2.19 27.13
N ARG B 162 5.87 2.67 25.91
CA ARG B 162 4.74 3.45 25.39
CA ARG B 162 4.73 3.44 25.40
C ARG B 162 4.14 2.65 24.24
N PRO B 163 2.96 3.07 23.72
CA PRO B 163 2.25 2.24 22.76
C PRO B 163 2.81 2.12 21.33
N ASP B 164 3.60 3.10 20.90
CA ASP B 164 4.13 3.19 19.55
C ASP B 164 5.34 2.26 19.41
N SER B 165 5.28 1.28 18.53
CA SER B 165 6.40 0.36 18.32
C SER B 165 6.44 -0.10 16.86
N LYS B 166 7.60 -0.55 16.46
CA LYS B 166 7.83 -1.22 15.18
C LYS B 166 8.78 -2.37 15.40
N THR B 167 8.62 -3.40 14.59
CA THR B 167 9.52 -4.59 14.65
C THR B 167 9.79 -5.03 13.23
N GLN B 168 10.86 -5.76 13.04
CA GLN B 168 11.21 -6.25 11.71
C GLN B 168 12.03 -7.51 11.86
N VAL B 169 11.67 -8.51 11.09
CA VAL B 169 12.30 -9.83 11.20
C VAL B 169 12.78 -10.28 9.83
N THR B 170 14.05 -10.61 9.76
CA THR B 170 14.67 -11.20 8.57
C THR B 170 14.96 -12.66 8.83
N VAL B 171 14.38 -13.55 8.04
CA VAL B 171 14.56 -15.01 8.15
C VAL B 171 15.36 -15.48 6.96
N GLN B 172 16.28 -16.42 7.23
CA GLN B 172 16.95 -17.22 6.18
C GLN B 172 16.08 -18.44 5.90
N TYR B 173 15.77 -18.61 4.63
CA TYR B 173 14.88 -19.65 4.11
C TYR B 173 15.69 -20.58 3.21
N MET B 174 15.22 -21.80 3.12
CA MET B 174 15.57 -22.71 2.00
C MET B 174 14.34 -22.89 1.12
N GLN B 175 14.59 -23.21 -0.14
CA GLN B 175 13.47 -23.50 -1.08
C GLN B 175 13.37 -25.03 -1.27
N ASP B 176 12.16 -25.56 -1.41
CA ASP B 176 11.88 -26.98 -1.67
C ASP B 176 10.73 -27.04 -2.70
N ARG B 177 11.11 -27.03 -3.97
CA ARG B 177 10.26 -27.24 -5.18
C ARG B 177 9.14 -26.19 -5.09
N GLY B 178 9.60 -24.95 -4.92
CA GLY B 178 8.76 -23.75 -4.87
C GLY B 178 8.20 -23.47 -3.48
N ALA B 179 8.15 -24.41 -2.53
CA ALA B 179 7.77 -24.12 -1.15
C ALA B 179 8.99 -23.53 -0.46
N VAL B 180 8.71 -22.93 0.64
CA VAL B 180 9.81 -22.25 1.38
C VAL B 180 9.81 -22.79 2.79
N LEU B 181 10.99 -22.94 3.34
CA LEU B 181 11.19 -23.54 4.67
C LEU B 181 12.06 -22.58 5.47
N PRO B 182 11.59 -22.04 6.60
CA PRO B 182 12.45 -21.17 7.41
C PRO B 182 13.57 -21.97 8.06
N ILE B 183 14.77 -21.44 8.12
CA ILE B 183 15.97 -22.06 8.75
C ILE B 183 16.28 -21.32 10.04
N ARG B 184 16.46 -20.02 10.02
CA ARG B 184 17.00 -19.27 11.19
CA ARG B 184 16.86 -19.30 11.26
C ARG B 184 16.56 -17.82 11.05
N VAL B 185 16.59 -17.10 12.14
CA VAL B 185 16.43 -15.63 12.18
C VAL B 185 17.78 -14.98 12.00
N HIS B 186 17.90 -14.18 10.96
CA HIS B 186 19.16 -13.54 10.58
C HIS B 186 19.29 -12.18 11.28
N THR B 187 18.21 -11.38 11.32
CA THR B 187 18.23 -10.04 11.93
C THR B 187 16.89 -9.73 12.55
N ILE B 188 16.90 -9.08 13.71
CA ILE B 188 15.67 -8.54 14.34
C ILE B 188 15.89 -7.06 14.62
N VAL B 189 14.94 -6.25 14.25
CA VAL B 189 14.84 -4.83 14.69
C VAL B 189 13.67 -4.69 15.63
N ILE B 190 13.87 -3.95 16.71
CA ILE B 190 12.76 -3.46 17.54
C ILE B 190 13.03 -2.01 17.85
N SER B 191 12.05 -1.16 17.59
CA SER B 191 12.04 0.24 18.05
C SER B 191 10.76 0.48 18.81
N VAL B 192 10.83 1.00 20.02
CA VAL B 192 9.60 1.25 20.80
C VAL B 192 9.73 2.55 21.59
N GLN B 193 8.69 3.34 21.61
CA GLN B 193 8.66 4.60 22.35
C GLN B 193 8.77 4.26 23.84
N HIS B 194 9.45 5.15 24.55
CA HIS B 194 9.78 4.90 25.95
C HIS B 194 9.78 6.21 26.73
N ASP B 195 9.79 6.07 28.05
CA ASP B 195 9.81 7.21 28.96
C ASP B 195 11.19 7.87 29.02
N GLU B 196 11.24 9.05 29.61
CA GLU B 196 12.43 9.93 29.66
C GLU B 196 13.44 9.39 30.65
N GLU B 197 13.13 8.43 31.47
CA GLU B 197 14.07 8.06 32.56
C GLU B 197 14.87 6.80 32.22
N VAL B 198 14.32 5.86 31.45
CA VAL B 198 14.99 4.54 31.29
C VAL B 198 16.20 4.69 30.34
N CYS B 199 17.30 4.03 30.65
CA CYS B 199 18.49 4.12 29.80
C CYS B 199 18.49 3.07 28.70
N LEU B 200 19.27 3.36 27.68
CA LEU B 200 19.40 2.50 26.51
C LEU B 200 19.77 1.07 26.89
N ASP B 201 20.77 0.88 27.76
CA ASP B 201 21.21 -0.49 28.13
C ASP B 201 20.08 -1.28 28.80
N GLU B 202 19.33 -0.62 29.66
CA GLU B 202 18.21 -1.33 30.30
C GLU B 202 17.19 -1.74 29.23
N MET B 203 16.91 -0.85 28.30
CA MET B 203 15.91 -1.19 27.26
C MET B 203 16.45 -2.31 26.37
N ARG B 204 17.70 -2.24 25.95
CA ARG B 204 18.20 -3.27 25.01
C ARG B 204 18.23 -4.65 25.67
N ASP B 205 18.65 -4.69 26.93
CA ASP B 205 18.62 -5.96 27.67
C ASP B 205 17.19 -6.50 27.77
N ALA B 206 16.25 -5.66 28.16
CA ALA B 206 14.85 -6.13 28.27
C ALA B 206 14.31 -6.60 26.93
N LEU B 207 14.60 -5.86 25.87
CA LEU B 207 14.06 -6.25 24.55
C LEU B 207 14.63 -7.60 24.14
N LYS B 208 15.89 -7.87 24.42
CA LYS B 208 16.43 -9.19 24.05
C LYS B 208 15.86 -10.27 24.96
N GLU B 209 15.91 -10.09 26.27
CA GLU B 209 15.59 -11.20 27.19
C GLU B 209 14.10 -11.38 27.41
N LYS B 210 13.35 -10.32 27.49
CA LYS B 210 11.93 -10.41 27.87
C LYS B 210 10.99 -10.34 26.68
N VAL B 211 11.46 -9.84 25.54
CA VAL B 211 10.63 -9.71 24.31
C VAL B 211 11.06 -10.77 23.32
N ILE B 212 12.24 -10.66 22.75
CA ILE B 212 12.69 -11.59 21.71
C ILE B 212 12.68 -13.02 22.22
N LYS B 213 13.35 -13.28 23.34
CA LYS B 213 13.47 -14.69 23.75
C LYS B 213 12.10 -15.23 24.16
N ALA B 214 11.16 -14.40 24.59
CA ALA B 214 9.83 -14.86 24.94
C ALA B 214 9.05 -15.27 23.71
N VAL B 215 9.32 -14.70 22.54
CA VAL B 215 8.55 -14.85 21.29
C VAL B 215 9.21 -15.81 20.31
N VAL B 216 10.49 -15.68 20.11
CA VAL B 216 11.17 -16.37 18.98
C VAL B 216 11.79 -17.63 19.54
N PRO B 217 11.48 -18.80 18.98
CA PRO B 217 12.14 -20.04 19.42
C PRO B 217 13.65 -19.95 19.35
N ALA B 218 14.30 -20.49 20.38
CA ALA B 218 15.76 -20.45 20.51
C ALA B 218 16.42 -21.13 19.29
N LYS B 219 15.79 -22.11 18.71
CA LYS B 219 16.33 -22.90 17.58
C LYS B 219 16.54 -21.97 16.38
N TYR B 220 15.91 -20.81 16.33
CA TYR B 220 16.08 -19.87 15.20
C TYR B 220 17.14 -18.83 15.50
N LEU B 221 17.62 -18.72 16.74
CA LEU B 221 18.54 -17.64 17.15
C LEU B 221 19.93 -18.24 17.37
N ASP B 222 20.99 -17.65 16.90
CA ASP B 222 22.32 -18.27 17.11
C ASP B 222 23.33 -17.16 17.25
N GLU B 223 24.61 -17.53 17.17
CA GLU B 223 25.72 -16.59 17.39
C GLU B 223 25.78 -15.52 16.29
N ASP B 224 25.25 -15.83 15.12
CA ASP B 224 25.30 -14.93 13.94
C ASP B 224 24.11 -13.95 13.99
N THR B 225 23.05 -14.20 14.74
CA THR B 225 21.81 -13.39 14.61
C THR B 225 22.22 -11.96 14.93
N ILE B 226 21.72 -11.01 14.16
CA ILE B 226 22.01 -9.58 14.35
C ILE B 226 20.80 -8.95 15.01
N TYR B 227 21.05 -8.16 16.04
CA TYR B 227 20.03 -7.46 16.83
C TYR B 227 20.20 -5.97 16.69
N HIS B 228 19.17 -5.28 16.24
CA HIS B 228 19.10 -3.83 16.19
C HIS B 228 17.98 -3.39 17.12
N LEU B 229 18.34 -3.14 18.38
CA LEU B 229 17.35 -2.88 19.45
C LEU B 229 17.48 -1.43 19.83
N GLN B 230 16.40 -0.68 19.71
CA GLN B 230 16.45 0.77 19.85
C GLN B 230 17.59 1.35 19.02
N PRO B 231 17.66 1.04 17.71
CA PRO B 231 18.77 1.47 16.90
C PRO B 231 18.85 2.98 16.69
N SER B 232 17.79 3.73 16.88
CA SER B 232 17.89 5.21 16.80
C SER B 232 18.55 5.79 18.04
N GLY B 233 18.62 5.05 19.11
CA GLY B 233 19.21 5.51 20.38
C GLY B 233 18.27 6.24 21.27
N ARG B 234 17.19 6.82 20.81
CA ARG B 234 16.28 7.60 21.65
C ARG B 234 14.94 7.71 20.93
N PHE B 235 13.88 7.38 21.63
CA PHE B 235 12.50 7.36 21.08
C PHE B 235 11.53 7.73 22.19
N VAL B 236 11.69 8.93 22.71
CA VAL B 236 10.77 9.45 23.77
C VAL B 236 9.55 10.06 23.11
N ILE B 237 9.78 10.89 22.11
CA ILE B 237 8.68 11.47 21.31
C ILE B 237 8.16 10.33 20.44
N GLY B 238 6.85 10.10 20.45
CA GLY B 238 6.28 9.05 19.62
C GLY B 238 4.80 9.23 19.42
N GLY B 239 4.13 8.22 18.88
CA GLY B 239 2.76 8.38 18.47
C GLY B 239 2.64 9.48 17.43
N PRO B 240 1.43 10.03 17.27
CA PRO B 240 1.19 11.08 16.25
C PRO B 240 2.10 12.30 16.42
N GLN B 241 2.55 12.58 17.66
CA GLN B 241 3.50 13.69 17.84
C GLN B 241 4.79 13.42 17.09
N GLY B 242 5.28 12.20 17.04
CA GLY B 242 6.52 11.94 16.31
C GLY B 242 6.35 11.79 14.82
N ASP B 243 5.16 11.45 14.34
CA ASP B 243 4.97 11.05 12.92
C ASP B 243 3.47 11.08 12.66
N ALA B 244 3.04 11.81 11.65
CA ALA B 244 1.63 11.84 11.28
C ALA B 244 1.19 10.45 10.85
N GLY B 245 -0.02 10.04 11.23
CA GLY B 245 -0.62 8.78 10.82
C GLY B 245 -1.84 8.96 9.95
N LEU B 246 -2.09 7.97 9.09
CA LEU B 246 -3.26 7.97 8.22
C LEU B 246 -3.78 6.57 8.13
N THR B 247 -5.08 6.42 7.93
CA THR B 247 -5.65 5.09 7.63
C THR B 247 -5.08 4.54 6.32
N GLY B 248 -4.82 3.24 6.30
CA GLY B 248 -4.49 2.57 5.04
C GLY B 248 -3.06 2.81 4.60
N ARG B 249 -2.16 3.06 5.54
CA ARG B 249 -0.74 3.25 5.29
C ARG B 249 0.10 2.10 5.83
N LYS B 250 -0.54 1.01 6.22
CA LYS B 250 0.13 -0.21 6.71
C LYS B 250 -0.44 -1.43 5.98
N ILE B 251 -0.64 -1.31 4.67
CA ILE B 251 -1.41 -2.36 3.97
C ILE B 251 -0.62 -3.66 3.83
N ILE B 252 0.69 -3.57 3.92
CA ILE B 252 1.58 -4.76 3.82
C ILE B 252 1.68 -5.42 5.20
N VAL B 253 1.80 -4.64 6.27
CA VAL B 253 1.66 -5.15 7.66
C VAL B 253 0.30 -5.80 7.82
N ASP B 254 -0.75 -5.27 7.19
CA ASP B 254 -2.11 -5.81 7.37
C ASP B 254 -2.28 -7.18 6.71
N THR B 255 -1.44 -7.54 5.75
CA THR B 255 -1.65 -8.69 4.85
C THR B 255 -0.54 -9.72 5.10
N TYR B 256 0.49 -9.76 4.29
CA TYR B 256 1.43 -10.90 4.30
C TYR B 256 2.87 -10.45 4.54
N GLY B 257 3.12 -9.21 4.96
CA GLY B 257 4.51 -8.84 5.29
C GLY B 257 5.39 -8.81 4.09
N GLY B 258 4.87 -8.58 2.90
CA GLY B 258 5.62 -8.45 1.68
C GLY B 258 5.57 -9.67 0.78
N TRP B 259 5.22 -10.83 1.38
CA TRP B 259 5.02 -12.03 0.56
C TRP B 259 3.78 -11.87 -0.29
N GLY B 260 3.66 -12.73 -1.27
CA GLY B 260 2.47 -12.68 -2.15
C GLY B 260 2.45 -11.39 -2.93
N ALA B 261 1.31 -10.69 -2.95
CA ALA B 261 1.13 -9.45 -3.73
C ALA B 261 0.01 -8.67 -3.09
N HIS B 262 -0.11 -7.42 -3.52
CA HIS B 262 -1.13 -6.52 -2.98
C HIS B 262 -1.70 -5.68 -4.10
N GLY B 263 -3.01 -5.47 -4.06
CA GLY B 263 -3.68 -4.65 -5.09
C GLY B 263 -3.74 -3.19 -4.77
N GLY B 264 -3.39 -2.78 -3.55
CA GLY B 264 -3.26 -1.37 -3.19
C GLY B 264 -4.33 -0.85 -2.25
N GLY B 265 -5.44 -1.54 -2.14
CA GLY B 265 -6.59 -1.04 -1.34
C GLY B 265 -6.35 -1.16 0.16
N ALA B 266 -6.80 -0.21 0.89
CA ALA B 266 -6.81 -0.25 2.36
C ALA B 266 -8.04 -0.97 2.86
N PHE B 267 -7.94 -1.61 4.00
CA PHE B 267 -9.09 -2.33 4.61
C PHE B 267 -9.90 -1.47 5.55
N SER B 268 -9.26 -0.76 6.45
CA SER B 268 -9.97 -0.22 7.60
C SER B 268 -10.89 0.94 7.25
N GLY B 269 -12.02 1.03 7.94
CA GLY B 269 -12.99 2.12 7.72
C GLY B 269 -14.00 1.85 6.63
N LYS B 270 -14.00 0.64 6.04
CA LYS B 270 -14.86 0.32 4.88
C LYS B 270 -15.80 -0.84 5.18
N ASP B 271 -17.06 -0.67 4.79
CA ASP B 271 -18.04 -1.76 4.86
C ASP B 271 -17.81 -2.73 3.71
N TYR B 272 -18.56 -3.83 3.72
CA TYR B 272 -18.32 -4.98 2.82
C TYR B 272 -18.46 -4.61 1.37
N THR B 273 -19.24 -3.61 1.02
CA THR B 273 -19.43 -3.30 -0.41
C THR B 273 -18.16 -2.75 -1.04
N LYS B 274 -17.20 -2.32 -0.22
CA LYS B 274 -15.86 -1.93 -0.69
C LYS B 274 -15.06 -3.22 -0.84
N VAL B 275 -14.95 -3.68 -2.07
CA VAL B 275 -14.25 -4.94 -2.40
C VAL B 275 -12.76 -4.88 -2.05
N ASP B 276 -12.17 -3.70 -1.86
CA ASP B 276 -10.78 -3.65 -1.33
C ASP B 276 -10.64 -4.55 -0.11
N ARG B 277 -11.66 -4.51 0.73
CA ARG B 277 -11.62 -5.37 1.94
C ARG B 277 -12.31 -6.71 1.68
N SER B 278 -13.57 -6.74 1.32
CA SER B 278 -14.29 -8.02 1.23
C SER B 278 -13.66 -8.98 0.24
N ALA B 279 -13.18 -8.50 -0.91
CA ALA B 279 -12.63 -9.44 -1.90
C ALA B 279 -11.23 -9.88 -1.49
N ALA B 280 -10.45 -9.05 -0.79
CA ALA B 280 -9.15 -9.47 -0.28
C ALA B 280 -9.40 -10.54 0.80
N TYR B 281 -10.40 -10.36 1.68
CA TYR B 281 -10.71 -11.39 2.70
C TYR B 281 -11.11 -12.69 1.99
N ALA B 282 -11.95 -12.59 0.96
CA ALA B 282 -12.39 -13.78 0.22
C ALA B 282 -11.21 -14.42 -0.49
N ALA B 283 -10.28 -13.64 -1.03
CA ALA B 283 -9.11 -14.22 -1.71
C ALA B 283 -8.18 -14.93 -0.72
N ARG B 284 -8.02 -14.39 0.48
CA ARG B 284 -7.31 -15.11 1.57
C ARG B 284 -8.01 -16.44 1.81
N TRP B 285 -9.34 -16.44 1.93
CA TRP B 285 -10.13 -17.64 2.20
C TRP B 285 -9.91 -18.66 1.11
N VAL B 286 -9.91 -18.24 -0.15
CA VAL B 286 -9.65 -19.16 -1.27
C VAL B 286 -8.24 -19.73 -1.13
N ALA B 287 -7.22 -18.89 -0.96
CA ALA B 287 -5.84 -19.34 -0.90
C ALA B 287 -5.63 -20.33 0.23
N LYS B 288 -6.15 -19.99 1.39
CA LYS B 288 -6.03 -20.88 2.56
C LYS B 288 -6.79 -22.19 2.34
N SER B 289 -7.91 -22.15 1.68
CA SER B 289 -8.68 -23.38 1.34
C SER B 289 -7.86 -24.25 0.40
N LEU B 290 -7.15 -23.69 -0.57
CA LEU B 290 -6.32 -24.48 -1.50
C LEU B 290 -5.21 -25.15 -0.73
N VAL B 291 -4.54 -24.43 0.16
CA VAL B 291 -3.41 -25.01 0.91
C VAL B 291 -3.93 -26.02 1.92
N LYS B 292 -4.92 -25.74 2.72
CA LYS B 292 -5.44 -26.70 3.73
C LYS B 292 -6.09 -27.86 2.99
N GLY B 293 -6.53 -27.73 1.76
CA GLY B 293 -7.13 -28.82 1.00
C GLY B 293 -6.09 -29.70 0.38
N GLY B 294 -4.81 -29.39 0.53
CA GLY B 294 -3.71 -30.22 0.03
C GLY B 294 -3.46 -30.04 -1.44
N LEU B 295 -3.98 -28.97 -2.08
CA LEU B 295 -3.77 -28.78 -3.55
C LEU B 295 -2.49 -28.06 -3.86
N CYS B 296 -1.93 -27.31 -2.94
CA CYS B 296 -0.63 -26.64 -3.16
CA CYS B 296 -0.77 -26.38 -3.13
C CYS B 296 -0.01 -26.34 -1.80
N ARG B 297 1.26 -26.11 -1.83
CA ARG B 297 2.00 -25.74 -0.59
C ARG B 297 1.93 -24.22 -0.39
N ARG B 298 1.91 -23.45 -1.47
CA ARG B 298 1.69 -22.00 -1.37
C ARG B 298 1.03 -21.55 -2.64
N VAL B 299 0.33 -20.44 -2.54
CA VAL B 299 -0.52 -19.99 -3.66
C VAL B 299 -0.87 -18.53 -3.49
N LEU B 300 -0.93 -17.86 -4.64
CA LEU B 300 -1.36 -16.46 -4.83
C LEU B 300 -2.62 -16.47 -5.68
N VAL B 301 -3.61 -15.73 -5.28
CA VAL B 301 -4.91 -15.55 -5.97
C VAL B 301 -5.08 -14.08 -6.29
N GLN B 302 -5.35 -13.73 -7.52
CA GLN B 302 -5.78 -12.38 -7.90
C GLN B 302 -7.26 -12.43 -8.24
N VAL B 303 -7.97 -11.37 -7.87
CA VAL B 303 -9.34 -11.07 -8.35
CA VAL B 303 -9.34 -11.08 -8.36
C VAL B 303 -9.40 -9.60 -8.72
N SER B 304 -10.35 -9.20 -9.54
CA SER B 304 -10.52 -7.76 -9.87
C SER B 304 -11.99 -7.50 -10.16
N TYR B 305 -12.38 -6.22 -10.08
CA TYR B 305 -13.76 -5.76 -10.17
C TYR B 305 -13.85 -4.46 -10.96
N ALA B 306 -15.06 -4.19 -11.41
CA ALA B 306 -15.45 -2.86 -11.95
C ALA B 306 -16.52 -2.32 -11.03
N ILE B 307 -16.52 -1.01 -10.75
CA ILE B 307 -17.59 -0.41 -9.93
C ILE B 307 -18.95 -0.69 -10.59
N GLY B 308 -19.91 -1.09 -9.77
CA GLY B 308 -21.28 -1.35 -10.23
C GLY B 308 -21.45 -2.72 -10.79
N VAL B 309 -20.45 -3.56 -10.95
CA VAL B 309 -20.58 -4.88 -11.55
C VAL B 309 -20.32 -5.92 -10.46
N SER B 310 -21.20 -6.89 -10.34
CA SER B 310 -21.15 -7.84 -9.21
CA SER B 310 -21.18 -7.87 -9.23
C SER B 310 -20.03 -8.89 -9.39
N HIS B 311 -19.99 -9.58 -10.52
CA HIS B 311 -18.99 -10.67 -10.71
C HIS B 311 -17.63 -10.06 -10.94
N PRO B 312 -16.58 -10.73 -10.46
CA PRO B 312 -15.23 -10.30 -10.75
C PRO B 312 -14.97 -10.29 -12.25
N LEU B 313 -14.13 -9.38 -12.68
CA LEU B 313 -13.69 -9.27 -14.10
CA LEU B 313 -13.69 -9.29 -14.09
C LEU B 313 -12.65 -10.34 -14.41
N SER B 314 -11.85 -10.73 -13.43
CA SER B 314 -10.76 -11.68 -13.63
C SER B 314 -10.53 -12.41 -12.33
N ILE B 315 -10.06 -13.65 -12.45
CA ILE B 315 -9.57 -14.47 -11.33
C ILE B 315 -8.36 -15.22 -11.83
N SER B 316 -7.27 -15.21 -11.06
CA SER B 316 -6.01 -15.80 -11.50
C SER B 316 -5.35 -16.52 -10.35
N ILE B 317 -4.55 -17.53 -10.67
CA ILE B 317 -3.90 -18.39 -9.66
C ILE B 317 -2.45 -18.59 -10.02
N PHE B 318 -1.57 -18.40 -9.06
CA PHE B 318 -0.11 -18.66 -9.19
C PHE B 318 0.29 -19.61 -8.08
N HIS B 319 0.76 -20.81 -8.39
CA HIS B 319 1.03 -21.81 -7.34
C HIS B 319 2.51 -21.99 -7.11
N TYR B 320 3.37 -21.17 -7.65
CA TYR B 320 4.83 -21.16 -7.37
C TYR B 320 5.43 -22.53 -7.69
N GLY B 321 4.80 -23.36 -8.50
CA GLY B 321 5.37 -24.69 -8.80
C GLY B 321 5.03 -25.70 -7.71
N THR B 322 4.08 -25.43 -6.82
CA THR B 322 3.90 -26.27 -5.60
C THR B 322 2.64 -27.11 -5.66
N SER B 323 2.10 -27.35 -6.86
CA SER B 323 0.93 -28.23 -7.08
C SER B 323 1.26 -29.20 -8.22
N GLN B 324 0.72 -30.40 -8.16
CA GLN B 324 0.72 -31.29 -9.34
C GLN B 324 -0.29 -30.73 -10.36
N LYS B 325 -1.38 -30.10 -9.95
CA LYS B 325 -2.39 -29.54 -10.86
C LYS B 325 -1.83 -28.27 -11.48
N SER B 326 -2.22 -28.03 -12.71
CA SER B 326 -1.93 -26.77 -13.40
C SER B 326 -2.69 -25.65 -12.71
N GLU B 327 -2.21 -24.44 -12.92
CA GLU B 327 -2.93 -23.23 -12.45
C GLU B 327 -4.29 -23.18 -13.13
N ARG B 328 -4.43 -23.61 -14.39
CA ARG B 328 -5.76 -23.66 -15.04
C ARG B 328 -6.71 -24.57 -14.27
N GLU B 329 -6.21 -25.73 -13.87
CA GLU B 329 -7.05 -26.70 -13.14
CA GLU B 329 -7.05 -26.70 -13.14
C GLU B 329 -7.43 -26.13 -11.76
N LEU B 330 -6.49 -25.46 -11.09
CA LEU B 330 -6.81 -24.86 -9.76
C LEU B 330 -7.85 -23.76 -9.99
N LEU B 331 -7.71 -22.96 -11.05
CA LEU B 331 -8.68 -21.87 -11.30
C LEU B 331 -10.07 -22.47 -11.51
N GLU B 332 -10.20 -23.59 -12.24
CA GLU B 332 -11.50 -24.27 -12.41
CA GLU B 332 -11.50 -24.27 -12.41
C GLU B 332 -12.05 -24.76 -11.07
N ILE B 333 -11.21 -25.28 -10.19
CA ILE B 333 -11.69 -25.70 -8.84
C ILE B 333 -12.19 -24.46 -8.08
N VAL B 334 -11.44 -23.35 -8.16
CA VAL B 334 -11.89 -22.10 -7.45
C VAL B 334 -13.27 -21.69 -7.97
N LYS B 335 -13.41 -21.69 -9.31
CA LYS B 335 -14.67 -21.16 -9.90
C LYS B 335 -15.83 -22.09 -9.59
N LYS B 336 -15.58 -23.37 -9.40
CA LYS B 336 -16.64 -24.33 -9.07
C LYS B 336 -17.04 -24.23 -7.60
N ASN B 337 -16.14 -23.72 -6.73
CA ASN B 337 -16.35 -23.77 -5.28
C ASN B 337 -16.66 -22.42 -4.64
N PHE B 338 -16.38 -21.31 -5.32
CA PHE B 338 -16.51 -19.99 -4.70
C PHE B 338 -17.32 -19.08 -5.62
N ASP B 339 -18.09 -18.22 -5.01
CA ASP B 339 -18.84 -17.13 -5.69
C ASP B 339 -18.33 -15.83 -5.07
N LEU B 340 -17.58 -15.09 -5.87
CA LEU B 340 -16.84 -13.93 -5.35
C LEU B 340 -17.59 -12.63 -5.65
N ARG B 341 -18.89 -12.67 -5.89
CA ARG B 341 -19.69 -11.45 -5.87
C ARG B 341 -19.69 -10.89 -4.46
N PRO B 342 -19.60 -9.55 -4.26
CA PRO B 342 -19.57 -9.02 -2.91
C PRO B 342 -20.82 -9.36 -2.11
N GLY B 343 -21.99 -9.44 -2.78
CA GLY B 343 -23.25 -9.74 -2.12
C GLY B 343 -23.39 -11.19 -1.75
N VAL B 344 -22.47 -12.04 -2.17
CA VAL B 344 -22.37 -13.44 -1.69
C VAL B 344 -21.25 -13.54 -0.65
N ILE B 345 -20.10 -12.95 -0.89
CA ILE B 345 -19.02 -12.91 0.12
C ILE B 345 -19.56 -12.44 1.47
N VAL B 346 -20.42 -11.43 1.48
CA VAL B 346 -20.92 -10.88 2.76
C VAL B 346 -21.61 -11.98 3.56
N ARG B 347 -22.36 -12.86 2.91
CA ARG B 347 -23.07 -13.95 3.60
C ARG B 347 -22.06 -15.01 4.02
N ASP B 348 -21.17 -15.43 3.17
CA ASP B 348 -20.21 -16.49 3.53
C ASP B 348 -19.31 -16.04 4.67
N LEU B 349 -18.89 -14.79 4.69
CA LEU B 349 -17.85 -14.33 5.62
C LEU B 349 -18.48 -13.52 6.76
N ASP B 350 -19.79 -13.37 6.79
CA ASP B 350 -20.54 -12.68 7.85
C ASP B 350 -20.05 -11.24 8.01
N LEU B 351 -19.96 -10.51 6.89
CA LEU B 351 -19.20 -9.23 6.90
C LEU B 351 -20.02 -8.03 7.37
N LYS B 352 -21.25 -8.23 7.81
CA LYS B 352 -21.98 -7.15 8.53
C LYS B 352 -21.69 -7.20 10.03
N LYS B 353 -20.98 -8.20 10.50
CA LYS B 353 -20.73 -8.30 11.96
C LYS B 353 -19.67 -7.29 12.39
N PRO B 354 -19.92 -6.56 13.49
CA PRO B 354 -19.02 -5.49 13.96
C PRO B 354 -17.79 -6.06 14.68
N ILE B 355 -16.94 -6.79 13.96
CA ILE B 355 -15.67 -7.33 14.54
C ILE B 355 -14.47 -6.67 13.90
N TYR B 356 -14.64 -5.58 13.19
CA TYR B 356 -13.55 -5.03 12.39
C TYR B 356 -12.46 -4.39 13.24
N GLN B 357 -12.76 -3.74 14.35
CA GLN B 357 -11.63 -3.16 15.13
C GLN B 357 -10.68 -4.30 15.52
N ARG B 358 -11.17 -5.49 15.77
CA ARG B 358 -10.28 -6.61 16.11
C ARG B 358 -9.31 -6.95 14.99
N THR B 359 -9.61 -6.62 13.75
CA THR B 359 -8.72 -6.92 12.60
C THR B 359 -7.61 -5.88 12.43
N ALA B 360 -7.75 -4.72 13.04
CA ALA B 360 -6.99 -3.50 12.66
C ALA B 360 -5.65 -3.34 13.35
N ALA B 361 -5.22 -4.34 14.12
CA ALA B 361 -3.82 -4.46 14.57
C ALA B 361 -3.40 -5.91 14.50
N TYR B 362 -2.13 -6.16 14.28
CA TYR B 362 -1.51 -7.51 14.25
C TYR B 362 -1.91 -8.33 13.04
N GLY B 363 -2.33 -7.65 11.98
CA GLY B 363 -2.63 -8.32 10.70
C GLY B 363 -4.06 -8.78 10.65
N HIS B 364 -4.63 -8.79 9.46
CA HIS B 364 -6.02 -9.25 9.26
C HIS B 364 -6.13 -10.75 9.11
N PHE B 365 -5.01 -11.41 8.84
CA PHE B 365 -4.96 -12.81 8.43
C PHE B 365 -4.16 -13.63 9.41
N GLY B 366 -4.46 -14.90 9.50
CA GLY B 366 -3.70 -15.89 10.27
C GLY B 366 -4.03 -15.90 11.73
N ARG B 367 -5.08 -15.28 12.17
CA ARG B 367 -5.39 -15.16 13.61
C ARG B 367 -6.88 -15.37 13.84
N ASP B 368 -7.20 -15.95 14.98
CA ASP B 368 -8.51 -15.86 15.66
C ASP B 368 -9.66 -16.56 14.94
N SER B 369 -9.38 -17.35 13.95
CA SER B 369 -10.40 -18.16 13.29
C SER B 369 -11.57 -17.29 12.86
N PHE B 370 -11.29 -16.11 12.31
CA PHE B 370 -12.30 -15.30 11.57
C PHE B 370 -12.82 -16.13 10.42
N PRO B 371 -13.98 -15.79 9.81
CA PRO B 371 -14.52 -16.66 8.79
C PRO B 371 -13.63 -16.96 7.58
N TRP B 372 -12.81 -15.97 7.20
CA TRP B 372 -11.91 -16.13 6.06
C TRP B 372 -10.70 -17.01 6.39
N GLU B 373 -10.55 -17.40 7.66
CA GLU B 373 -9.49 -18.32 8.13
C GLU B 373 -9.96 -19.75 8.29
N VAL B 374 -11.25 -19.99 8.11
CA VAL B 374 -11.84 -21.34 8.25
C VAL B 374 -11.92 -21.90 6.84
N PRO B 375 -11.11 -22.86 6.44
CA PRO B 375 -11.10 -23.26 5.04
C PRO B 375 -12.43 -23.85 4.58
N LYS B 376 -12.78 -23.63 3.33
CA LYS B 376 -13.92 -24.31 2.69
C LYS B 376 -13.45 -25.66 2.19
N LYS B 377 -14.26 -26.69 2.45
CA LYS B 377 -14.08 -28.05 1.89
C LYS B 377 -14.37 -28.01 0.39
N LEU B 378 -13.39 -28.35 -0.41
CA LEU B 378 -13.49 -28.19 -1.87
C LEU B 378 -14.03 -29.46 -2.52
N LYS B 379 -14.92 -29.29 -3.46
CA LYS B 379 -15.49 -30.38 -4.30
C LYS B 379 -14.88 -30.30 -5.70
N TYR B 380 -14.31 -31.39 -6.22
CA TYR B 380 -13.76 -31.47 -7.60
C TYR B 380 -13.43 -32.92 -7.95
#